data_5FA0
#
_entry.id   5FA0
#
_cell.length_a   82.930
_cell.length_b   82.930
_cell.length_c   120.710
_cell.angle_alpha   90.00
_cell.angle_beta   90.00
_cell.angle_gamma   90.00
#
_symmetry.space_group_name_H-M   'P 21 21 21'
#
loop_
_entity.id
_entity.type
_entity.pdbx_description
1 polymer 'Putative N-acetyl glucosaminyl transferase'
2 non-polymer 'CHLORIDE ION'
3 water water
#
_entity_poly.entity_id   1
_entity_poly.type   'polypeptide(L)'
_entity_poly.pdbx_seq_one_letter_code
;(MSE)GLAVFLPPYPFRGLKAPYLW(MSE)FYKYLHCATDSILFITGEDYLSVTDDEAQRARWEFDPAS(MSE)ASLGYE
LPNAQS(MSE)ACHEYLTLDNAFYETLLSRHHHDPIKSFSAFLTERIPDLETELHALLDSKKGIIDQIDTFISICNCPSL
EHVARTLGKEV(MSE)HIEIGPLRAP(MSE)YRNTAYLDFAGVNGGTEASARYEKCQAEFDIKASLGDLHNYFLEVLPPA
EAATHSAAGVVLQVEDDSNLIAYNHDFTNISLLSYVRQRYEKEDILVRAHPGSLFRLRDDVFTIDDSANSLAFINQCNEV
FTINSSVGLEAILTGKKTTVLGDCSYAFINELAGASATVNAAAFYLFSYLVPFDLVFNQEYLKFRLGHPEEREIVGKHIE
FYSAD(MSE)PGSLSQAAHSLSSLINEAISLEHHHHHH
;
_entity_poly.pdbx_strand_id   A,B
#
# COMPACT_ATOMS: atom_id res chain seq x y z
N GLY A 2 35.03 22.03 1.81
CA GLY A 2 33.97 22.29 0.86
C GLY A 2 32.84 21.28 0.92
N LEU A 3 31.64 21.71 0.54
CA LEU A 3 30.46 20.85 0.58
C LEU A 3 30.16 20.22 -0.77
N ALA A 4 29.57 19.03 -0.73
CA ALA A 4 28.99 18.40 -1.90
C ALA A 4 27.54 18.06 -1.58
N VAL A 5 26.60 18.61 -2.34
CA VAL A 5 25.19 18.40 -2.06
C VAL A 5 24.55 17.53 -3.15
N PHE A 6 23.99 16.40 -2.73
CA PHE A 6 23.39 15.43 -3.63
C PHE A 6 21.91 15.71 -3.81
N LEU A 7 21.53 16.14 -5.01
CA LEU A 7 20.14 16.44 -5.32
C LEU A 7 19.70 15.69 -6.57
N PRO A 8 19.35 14.40 -6.42
CA PRO A 8 18.98 13.54 -7.55
C PRO A 8 17.78 14.06 -8.34
N PRO A 9 17.81 13.90 -9.67
CA PRO A 9 16.76 14.38 -10.58
C PRO A 9 15.65 13.37 -10.83
N TYR A 10 15.84 12.13 -10.40
CA TYR A 10 14.91 11.06 -10.73
C TYR A 10 13.51 11.34 -10.16
N PRO A 11 12.50 11.41 -11.04
CA PRO A 11 11.13 11.73 -10.63
C PRO A 11 10.42 10.55 -9.99
N PHE A 12 10.89 10.12 -8.82
CA PHE A 12 10.33 8.95 -8.15
C PHE A 12 8.86 9.17 -7.77
N ARG A 13 8.46 10.43 -7.60
CA ARG A 13 7.09 10.74 -7.20
C ARG A 13 6.37 11.53 -8.28
N GLY A 14 6.86 11.43 -9.51
CA GLY A 14 6.25 12.09 -10.65
C GLY A 14 6.64 13.55 -10.76
N LEU A 15 7.56 13.98 -9.90
CA LEU A 15 7.98 15.38 -9.85
C LEU A 15 9.44 15.49 -10.30
N LYS A 16 9.72 16.29 -11.32
CA LYS A 16 11.10 16.48 -11.71
C LYS A 16 11.71 17.64 -10.91
N ALA A 17 13.04 17.64 -10.80
CA ALA A 17 13.76 18.48 -9.84
C ALA A 17 13.04 18.49 -8.48
N PRO A 18 12.77 17.29 -7.92
CA PRO A 18 11.89 17.22 -6.74
C PRO A 18 12.46 17.94 -5.52
N TYR A 19 13.77 18.10 -5.46
CA TYR A 19 14.40 18.72 -4.30
C TYR A 19 14.89 20.11 -4.63
N LEU A 20 14.11 20.82 -5.43
CA LEU A 20 14.46 22.16 -5.89
C LEU A 20 14.61 23.17 -4.75
N TRP A 21 13.77 23.04 -3.72
CA TRP A 21 13.78 24.02 -2.64
C TRP A 21 15.10 24.02 -1.88
N PHE A 23 17.95 23.14 -3.25
CA PHE A 23 18.88 23.76 -4.19
C PHE A 23 18.86 25.29 -4.00
N TYR A 24 17.66 25.86 -3.99
CA TYR A 24 17.50 27.30 -3.82
C TYR A 24 17.99 27.79 -2.46
N LYS A 25 17.74 27.00 -1.42
CA LYS A 25 18.13 27.37 -0.07
C LYS A 25 19.65 27.42 0.09
N TYR A 26 20.32 26.37 -0.40
CA TYR A 26 21.78 26.31 -0.33
C TYR A 26 22.41 27.43 -1.16
N LEU A 27 21.85 27.71 -2.33
CA LEU A 27 22.34 28.79 -3.17
C LEU A 27 22.21 30.13 -2.45
N HIS A 28 21.08 30.31 -1.78
CA HIS A 28 20.77 31.56 -1.08
C HIS A 28 21.69 31.81 0.10
N CYS A 29 22.02 30.74 0.83
CA CYS A 29 22.81 30.85 2.05
C CYS A 29 24.32 30.65 1.83
N ALA A 30 24.72 30.30 0.61
CA ALA A 30 26.10 29.94 0.34
C ALA A 30 27.07 31.12 0.43
N THR A 31 28.24 30.86 1.02
CA THR A 31 29.32 31.84 1.08
C THR A 31 30.50 31.37 0.25
N ASP A 32 30.64 30.05 0.15
CA ASP A 32 31.71 29.45 -0.64
C ASP A 32 31.15 28.54 -1.71
N SER A 33 32.01 28.11 -2.63
CA SER A 33 31.63 27.24 -3.72
C SER A 33 31.12 25.90 -3.22
N ILE A 34 29.96 25.50 -3.75
CA ILE A 34 29.37 24.21 -3.43
C ILE A 34 29.40 23.31 -4.65
N LEU A 35 29.74 22.04 -4.47
CA LEU A 35 29.60 21.07 -5.54
C LEU A 35 28.21 20.45 -5.49
N PHE A 36 27.39 20.74 -6.48
CA PHE A 36 26.07 20.12 -6.56
C PHE A 36 26.10 18.91 -7.48
N ILE A 37 25.81 17.73 -6.91
CA ILE A 37 25.68 16.51 -7.69
C ILE A 37 24.20 16.31 -7.97
N THR A 38 23.77 16.68 -9.17
CA THR A 38 22.36 16.89 -9.43
C THR A 38 21.98 16.57 -10.89
N GLY A 39 20.86 17.12 -11.34
CA GLY A 39 20.40 16.87 -12.70
C GLY A 39 20.22 18.16 -13.48
N GLU A 40 20.22 18.06 -14.81
CA GLU A 40 20.05 19.22 -15.68
C GLU A 40 18.74 19.96 -15.43
N ASP A 41 17.72 19.22 -15.00
CA ASP A 41 16.41 19.81 -14.72
C ASP A 41 16.47 20.86 -13.61
N TYR A 42 17.41 20.70 -12.69
CA TYR A 42 17.57 21.64 -11.60
C TYR A 42 18.08 23.00 -12.08
N LEU A 43 18.88 22.97 -13.15
CA LEU A 43 19.49 24.19 -13.68
C LEU A 43 18.59 24.94 -14.65
N SER A 44 17.58 24.26 -15.19
CA SER A 44 16.73 24.86 -16.21
C SER A 44 15.35 25.29 -15.70
N VAL A 45 14.94 24.77 -14.56
CA VAL A 45 13.59 24.98 -14.06
C VAL A 45 13.30 26.45 -13.70
N THR A 46 14.32 27.14 -13.18
CA THR A 46 14.16 28.54 -12.77
C THR A 46 13.77 29.43 -13.95
N ASP A 47 14.35 29.17 -15.10
CA ASP A 47 14.07 29.95 -16.30
C ASP A 47 13.01 29.29 -17.18
N ASP A 48 12.40 28.22 -16.67
CA ASP A 48 11.34 27.52 -17.39
C ASP A 48 9.96 28.02 -16.96
N GLU A 49 9.38 28.88 -17.77
CA GLU A 49 8.06 29.45 -17.48
C GLU A 49 6.98 28.39 -17.35
N ALA A 50 7.15 27.27 -18.05
CA ALA A 50 6.19 26.18 -18.00
C ALA A 50 6.05 25.61 -16.59
N GLN A 51 7.07 25.83 -15.76
CA GLN A 51 7.07 25.30 -14.41
C GLN A 51 6.96 26.38 -13.33
N ARG A 52 6.57 27.59 -13.73
CA ARG A 52 6.44 28.69 -12.79
C ARG A 52 5.30 28.48 -11.80
N ALA A 53 4.43 27.51 -12.11
CA ALA A 53 3.27 27.23 -11.27
C ALA A 53 3.65 26.41 -10.03
N ARG A 54 4.90 25.96 -9.97
CA ARG A 54 5.36 25.14 -8.86
C ARG A 54 5.37 25.89 -7.53
N TRP A 55 5.19 25.16 -6.43
CA TRP A 55 5.09 25.77 -5.12
C TRP A 55 6.39 26.45 -4.68
N GLU A 56 7.52 26.00 -5.25
CA GLU A 56 8.82 26.57 -4.90
C GLU A 56 8.94 28.04 -5.27
N PHE A 57 8.06 28.50 -6.17
CA PHE A 57 8.09 29.90 -6.61
C PHE A 57 7.08 30.76 -5.85
N ASP A 58 6.21 30.11 -5.08
CA ASP A 58 5.20 30.83 -4.30
C ASP A 58 5.84 31.70 -3.22
N PRO A 59 5.54 33.00 -3.22
CA PRO A 59 6.03 33.98 -2.25
C PRO A 59 5.93 33.50 -0.82
N ALA A 60 4.79 32.89 -0.47
CA ALA A 60 4.57 32.36 0.87
C ALA A 60 5.59 31.28 1.19
N SER A 61 5.78 30.36 0.25
CA SER A 61 6.73 29.26 0.43
C SER A 61 8.17 29.76 0.45
N ALA A 63 9.24 32.78 1.63
CA ALA A 63 9.47 33.44 2.90
C ALA A 63 9.45 32.44 4.05
N SER A 64 8.64 31.40 3.90
CA SER A 64 8.53 30.36 4.91
C SER A 64 9.84 29.59 5.06
N LEU A 65 10.40 29.13 3.94
CA LEU A 65 11.66 28.40 3.95
C LEU A 65 12.85 29.36 3.96
N GLY A 66 12.57 30.64 3.76
CA GLY A 66 13.59 31.67 3.85
C GLY A 66 14.64 31.63 2.76
N TYR A 67 14.21 31.71 1.51
CA TYR A 67 15.15 31.83 0.39
C TYR A 67 14.61 32.77 -0.67
N GLU A 68 15.49 33.19 -1.57
CA GLU A 68 15.09 33.99 -2.72
C GLU A 68 15.61 33.29 -3.97
N LEU A 69 14.98 33.57 -5.11
CA LEU A 69 15.40 32.94 -6.36
C LEU A 69 16.81 33.39 -6.75
N PRO A 70 17.63 32.46 -7.23
CA PRO A 70 19.02 32.77 -7.61
C PRO A 70 19.12 33.49 -8.95
N ASN A 71 20.01 34.47 -9.04
CA ASN A 71 20.33 35.07 -10.33
C ASN A 71 21.44 34.28 -11.01
N ALA A 72 21.94 34.79 -12.13
CA ALA A 72 22.97 34.09 -12.89
C ALA A 72 24.23 33.88 -12.06
N GLN A 73 24.71 34.95 -11.42
CA GLN A 73 25.92 34.89 -10.59
C GLN A 73 25.78 33.88 -9.46
N SER A 74 24.63 33.87 -8.80
CA SER A 74 24.40 32.99 -7.67
C SER A 74 24.50 31.52 -8.07
N ALA A 76 25.87 30.26 -11.02
CA ALA A 76 27.03 29.93 -11.84
C ALA A 76 28.33 29.82 -11.04
N CYS A 77 28.36 30.37 -9.84
CA CYS A 77 29.60 30.41 -9.06
C CYS A 77 29.84 29.12 -8.29
N HIS A 78 29.21 28.03 -8.73
CA HIS A 78 29.37 26.74 -8.07
C HIS A 78 29.87 25.67 -9.05
N GLU A 79 30.16 24.50 -8.51
CA GLU A 79 30.58 23.36 -9.32
C GLU A 79 29.42 22.39 -9.50
N TYR A 80 29.31 21.81 -10.69
CA TYR A 80 28.20 20.92 -10.99
C TYR A 80 28.65 19.59 -11.61
N LEU A 81 27.95 18.53 -11.23
CA LEU A 81 28.09 17.22 -11.85
C LEU A 81 26.70 16.69 -12.10
N THR A 82 26.33 16.50 -13.36
CA THR A 82 24.95 16.19 -13.69
C THR A 82 24.71 14.71 -14.00
N LEU A 83 23.75 14.13 -13.30
CA LEU A 83 23.37 12.73 -13.48
C LEU A 83 22.42 12.58 -14.66
N ASP A 84 22.55 11.48 -15.39
CA ASP A 84 21.67 11.23 -16.53
C ASP A 84 20.26 10.88 -16.07
N ASN A 85 19.27 11.59 -16.61
CA ASN A 85 17.87 11.35 -16.25
C ASN A 85 17.38 9.98 -16.67
N ALA A 86 18.01 9.40 -17.69
CA ALA A 86 17.56 8.15 -18.28
C ALA A 86 17.75 6.95 -17.37
N PHE A 87 18.52 7.12 -16.30
CA PHE A 87 18.75 6.03 -15.36
C PHE A 87 17.45 5.63 -14.66
N TYR A 88 16.52 6.58 -14.55
CA TYR A 88 15.24 6.32 -13.91
C TYR A 88 14.47 5.24 -14.65
N GLU A 89 14.36 5.38 -15.97
CA GLU A 89 13.66 4.40 -16.80
C GLU A 89 14.33 3.03 -16.72
N THR A 90 15.66 3.01 -16.71
CA THR A 90 16.41 1.76 -16.58
C THR A 90 16.08 1.07 -15.26
N LEU A 91 16.15 1.83 -14.17
CA LEU A 91 15.85 1.31 -12.84
C LEU A 91 14.43 0.78 -12.75
N LEU A 92 13.50 1.51 -13.36
CA LEU A 92 12.10 1.08 -13.45
C LEU A 92 11.97 -0.30 -14.06
N SER A 93 12.65 -0.50 -15.19
CA SER A 93 12.58 -1.77 -15.91
CA SER A 93 12.59 -1.77 -15.92
C SER A 93 13.13 -2.91 -15.08
N ARG A 94 14.04 -2.61 -14.17
CA ARG A 94 14.64 -3.64 -13.33
C ARG A 94 13.74 -4.01 -12.15
N HIS A 95 12.66 -3.26 -11.97
CA HIS A 95 11.74 -3.52 -10.87
C HIS A 95 10.31 -3.69 -11.36
N HIS A 96 10.15 -4.42 -12.46
CA HIS A 96 8.84 -4.75 -13.04
C HIS A 96 7.99 -3.52 -13.32
N HIS A 97 8.66 -2.42 -13.67
CA HIS A 97 8.00 -1.14 -13.97
C HIS A 97 7.23 -0.61 -12.76
N ASP A 98 7.63 -1.05 -11.57
CA ASP A 98 7.00 -0.61 -10.33
C ASP A 98 7.76 0.59 -9.76
N PRO A 99 7.17 1.79 -9.87
CA PRO A 99 7.81 3.03 -9.45
C PRO A 99 8.03 3.06 -7.94
N ILE A 100 7.12 2.45 -7.20
CA ILE A 100 7.21 2.38 -5.74
C ILE A 100 8.40 1.52 -5.33
N LYS A 101 8.49 0.33 -5.91
CA LYS A 101 9.59 -0.57 -5.63
C LYS A 101 10.94 0.02 -6.06
N SER A 102 10.91 0.84 -7.12
CA SER A 102 12.12 1.50 -7.61
C SER A 102 12.64 2.53 -6.61
N PHE A 103 11.73 3.36 -6.12
CA PHE A 103 12.07 4.38 -5.13
C PHE A 103 12.61 3.72 -3.86
N SER A 104 11.98 2.63 -3.45
CA SER A 104 12.39 1.91 -2.26
C SER A 104 13.81 1.37 -2.39
N ALA A 105 14.13 0.78 -3.54
CA ALA A 105 15.47 0.29 -3.82
C ALA A 105 16.49 1.42 -3.70
N PHE A 106 16.15 2.56 -4.31
CA PHE A 106 17.01 3.73 -4.29
C PHE A 106 17.34 4.16 -2.86
N LEU A 107 16.36 4.06 -1.98
CA LEU A 107 16.50 4.54 -0.61
C LEU A 107 17.15 3.54 0.34
N THR A 108 17.03 2.25 0.04
CA THR A 108 17.41 1.23 1.01
C THR A 108 18.46 0.25 0.49
N GLU A 109 18.74 0.28 -0.81
CA GLU A 109 19.69 -0.67 -1.38
C GLU A 109 20.79 0.00 -2.19
N ARG A 110 21.93 -0.68 -2.31
CA ARG A 110 22.98 -0.25 -3.22
C ARG A 110 22.58 -0.58 -4.67
N ILE A 111 22.87 0.35 -5.57
CA ILE A 111 22.62 0.17 -6.99
C ILE A 111 23.93 0.35 -7.75
N PRO A 112 24.49 -0.75 -8.27
CA PRO A 112 25.81 -0.76 -8.93
C PRO A 112 25.98 0.29 -10.03
N ASP A 113 24.99 0.40 -10.91
CA ASP A 113 25.06 1.35 -12.01
C ASP A 113 25.15 2.79 -11.51
N LEU A 114 24.47 3.10 -10.42
CA LEU A 114 24.50 4.43 -9.84
C LEU A 114 25.87 4.74 -9.23
N GLU A 115 26.46 3.73 -8.59
CA GLU A 115 27.80 3.88 -8.03
C GLU A 115 28.81 4.09 -9.15
N THR A 116 28.60 3.41 -10.27
CA THR A 116 29.45 3.58 -11.44
C THR A 116 29.36 5.01 -11.97
N GLU A 117 28.14 5.52 -12.11
CA GLU A 117 27.95 6.85 -12.67
C GLU A 117 28.42 7.95 -11.72
N LEU A 118 28.25 7.73 -10.42
CA LEU A 118 28.72 8.68 -9.44
C LEU A 118 30.24 8.79 -9.48
N HIS A 119 30.93 7.66 -9.42
CA HIS A 119 32.39 7.63 -9.47
C HIS A 119 32.95 8.24 -10.76
N ALA A 120 32.30 7.94 -11.89
CA ALA A 120 32.75 8.47 -13.17
C ALA A 120 32.65 9.99 -13.21
N LEU A 121 31.58 10.53 -12.63
CA LEU A 121 31.41 11.99 -12.59
C LEU A 121 32.45 12.64 -11.68
N LEU A 122 32.68 12.03 -10.52
CA LEU A 122 33.66 12.54 -9.57
C LEU A 122 35.07 12.43 -10.14
N ASP A 123 35.30 11.43 -10.99
CA ASP A 123 36.60 11.26 -11.64
C ASP A 123 36.93 12.39 -12.63
N SER A 124 35.90 13.05 -13.15
CA SER A 124 36.10 14.12 -14.13
C SER A 124 36.71 15.38 -13.50
N LYS A 125 36.56 15.53 -12.18
CA LYS A 125 37.07 16.70 -11.48
C LYS A 125 37.76 16.28 -10.18
N LYS A 126 38.75 15.39 -10.29
CA LYS A 126 39.40 14.85 -9.10
C LYS A 126 39.97 15.93 -8.20
N GLY A 127 40.59 16.95 -8.79
CA GLY A 127 41.16 18.05 -8.04
C GLY A 127 40.14 18.74 -7.16
N ILE A 128 38.93 18.94 -7.70
CA ILE A 128 37.84 19.58 -6.97
C ILE A 128 37.36 18.69 -5.82
N ILE A 129 37.24 17.39 -6.09
CA ILE A 129 36.78 16.43 -5.10
C ILE A 129 37.69 16.36 -3.88
N ASP A 130 38.99 16.54 -4.09
CA ASP A 130 39.97 16.50 -3.01
C ASP A 130 39.66 17.51 -1.91
N GLN A 131 39.03 18.63 -2.28
CA GLN A 131 38.77 19.70 -1.33
C GLN A 131 37.37 19.59 -0.71
N ILE A 132 36.64 18.55 -1.08
CA ILE A 132 35.33 18.28 -0.50
C ILE A 132 35.47 17.66 0.88
N ASP A 133 34.83 18.27 1.87
CA ASP A 133 34.91 17.74 3.23
C ASP A 133 33.84 16.69 3.47
N THR A 134 32.60 16.99 3.08
CA THR A 134 31.49 16.07 3.36
C THR A 134 30.46 16.09 2.23
N PHE A 135 29.76 14.97 2.08
CA PHE A 135 28.63 14.87 1.16
C PHE A 135 27.35 15.10 1.93
N ILE A 136 26.43 15.85 1.33
CA ILE A 136 25.12 16.06 1.93
C ILE A 136 24.04 15.45 1.05
N SER A 137 23.10 14.75 1.68
CA SER A 137 21.99 14.14 0.96
C SER A 137 20.68 14.44 1.65
N ILE A 138 19.65 14.75 0.86
CA ILE A 138 18.33 15.05 1.40
C ILE A 138 17.56 13.75 1.73
N CYS A 139 18.10 12.62 1.30
CA CYS A 139 17.45 11.34 1.56
C CYS A 139 18.49 10.25 1.74
N ASN A 140 18.06 9.12 2.30
CA ASN A 140 18.92 7.95 2.37
C ASN A 140 19.25 7.45 0.97
N CYS A 141 20.49 7.01 0.77
CA CYS A 141 20.93 6.51 -0.52
C CYS A 141 22.22 5.74 -0.34
N PRO A 142 22.12 4.42 -0.11
CA PRO A 142 23.28 3.56 0.13
C PRO A 142 24.30 3.59 -1.01
N SER A 143 23.84 3.88 -2.22
CA SER A 143 24.74 4.02 -3.36
C SER A 143 25.67 5.21 -3.15
N LEU A 144 25.09 6.33 -2.76
CA LEU A 144 25.84 7.56 -2.52
C LEU A 144 26.73 7.43 -1.30
N GLU A 145 26.18 6.83 -0.24
CA GLU A 145 26.92 6.67 1.01
C GLU A 145 28.16 5.80 0.80
N HIS A 146 28.03 4.75 0.00
CA HIS A 146 29.16 3.88 -0.28
C HIS A 146 30.23 4.61 -1.06
N VAL A 147 29.82 5.37 -2.08
CA VAL A 147 30.77 6.11 -2.90
C VAL A 147 31.54 7.12 -2.05
N ALA A 148 30.84 7.84 -1.20
CA ALA A 148 31.46 8.85 -0.33
C ALA A 148 32.50 8.25 0.62
N ARG A 149 32.13 7.17 1.32
CA ARG A 149 33.04 6.52 2.25
C ARG A 149 34.28 6.01 1.55
N THR A 150 34.10 5.48 0.34
CA THR A 150 35.20 4.98 -0.47
C THR A 150 36.21 6.09 -0.72
N LEU A 151 35.70 7.30 -0.91
CA LEU A 151 36.55 8.46 -1.13
C LEU A 151 36.96 9.11 0.19
N GLY A 152 36.58 8.50 1.30
CA GLY A 152 36.97 8.98 2.61
C GLY A 152 36.18 10.20 3.03
N LYS A 153 34.99 10.35 2.49
CA LYS A 153 34.12 11.46 2.86
C LYS A 153 33.01 10.97 3.77
N GLU A 154 32.45 11.87 4.56
CA GLU A 154 31.30 11.51 5.40
C GLU A 154 30.01 11.95 4.72
N VAL A 155 28.89 11.43 5.19
CA VAL A 155 27.60 11.79 4.62
C VAL A 155 26.67 12.36 5.70
N HIS A 157 22.88 13.43 6.31
CA HIS A 157 21.52 13.40 5.81
C HIS A 157 20.72 14.54 6.42
N ILE A 158 20.24 15.44 5.57
CA ILE A 158 19.60 16.66 6.02
C ILE A 158 18.23 16.80 5.38
N GLU A 159 17.24 17.17 6.19
CA GLU A 159 15.86 17.30 5.73
C GLU A 159 15.14 18.28 6.65
N ILE A 160 14.03 18.83 6.20
CA ILE A 160 13.22 19.69 7.05
C ILE A 160 12.72 18.86 8.24
N GLY A 161 12.61 19.50 9.41
CA GLY A 161 12.32 18.78 10.64
C GLY A 161 10.86 18.45 10.87
N PRO A 162 10.57 17.83 12.02
CA PRO A 162 9.23 17.43 12.42
C PRO A 162 8.41 18.58 13.00
N LEU A 163 9.12 19.61 13.45
CA LEU A 163 8.48 20.81 13.97
C LEU A 163 8.74 21.98 13.03
N ARG A 164 7.67 22.64 12.60
CA ARG A 164 7.79 23.70 11.59
C ARG A 164 6.93 24.91 11.91
N ALA A 165 7.33 26.06 11.36
CA ALA A 165 6.54 27.29 11.44
C ALA A 165 5.24 27.10 10.67
N PRO A 166 4.18 27.82 11.04
CA PRO A 166 4.08 28.82 12.13
C PRO A 166 3.79 28.21 13.49
N TYR A 168 5.51 25.88 15.20
CA TYR A 168 6.70 25.73 16.04
C TYR A 168 7.87 26.57 15.53
N ARG A 169 8.95 26.57 16.31
CA ARG A 169 10.24 27.02 15.80
C ARG A 169 10.64 26.11 14.64
N ASN A 170 11.23 26.68 13.60
CA ASN A 170 11.65 25.87 12.46
C ASN A 170 12.82 24.96 12.78
N THR A 171 12.68 23.67 12.50
CA THR A 171 13.71 22.69 12.79
C THR A 171 14.12 21.90 11.56
N ALA A 172 15.27 21.25 11.65
CA ALA A 172 15.75 20.40 10.57
C ALA A 172 16.36 19.11 11.11
N TYR A 173 16.51 18.13 10.24
CA TYR A 173 17.24 16.91 10.57
C TYR A 173 18.69 17.05 10.11
N LEU A 174 19.62 16.59 10.94
CA LEU A 174 20.99 16.39 10.53
C LEU A 174 21.46 15.09 11.16
N ASP A 175 21.64 14.07 10.32
CA ASP A 175 21.93 12.73 10.79
C ASP A 175 22.94 12.04 9.89
N PHE A 176 24.02 11.54 10.49
CA PHE A 176 25.10 10.92 9.72
C PHE A 176 24.75 9.53 9.19
N ALA A 177 23.76 8.88 9.81
CA ALA A 177 23.42 7.51 9.45
C ALA A 177 22.28 7.47 8.44
N GLY A 178 21.24 8.26 8.71
CA GLY A 178 20.09 8.30 7.83
C GLY A 178 19.05 9.27 8.35
N VAL A 179 18.22 9.77 7.45
CA VAL A 179 17.16 10.69 7.85
C VAL A 179 15.80 9.98 7.71
N ASN A 180 14.94 10.19 8.71
CA ASN A 180 13.64 9.50 8.84
C ASN A 180 13.80 8.01 9.15
N GLY A 181 14.40 7.27 8.23
CA GLY A 181 14.67 5.86 8.45
C GLY A 181 16.13 5.61 8.78
N GLY A 182 16.40 4.60 9.60
CA GLY A 182 17.75 4.25 9.98
C GLY A 182 18.50 5.36 10.68
N THR A 183 17.78 6.21 11.40
CA THR A 183 18.36 7.35 12.09
C THR A 183 19.28 6.91 13.23
N GLU A 184 20.16 7.81 13.64
CA GLU A 184 21.15 7.51 14.67
C GLU A 184 20.76 8.13 16.01
N ALA A 185 19.56 8.72 16.05
CA ALA A 185 19.08 9.44 17.23
C ALA A 185 19.12 8.60 18.50
N SER A 186 18.67 7.35 18.39
CA SER A 186 18.62 6.45 19.54
C SER A 186 20.03 6.04 19.99
N ALA A 187 20.88 5.66 19.04
CA ALA A 187 22.24 5.26 19.36
C ALA A 187 23.02 6.42 19.95
N ARG A 188 22.73 7.61 19.44
CA ARG A 188 23.40 8.83 19.87
C ARG A 188 23.02 9.18 21.32
N TYR A 189 21.74 9.04 21.64
CA TYR A 189 21.28 9.31 22.99
C TYR A 189 21.80 8.28 23.97
N GLU A 190 21.82 7.02 23.54
CA GLU A 190 22.30 5.90 24.35
C GLU A 190 23.73 6.15 24.84
N LYS A 191 24.48 6.92 24.06
CA LYS A 191 25.88 7.21 24.36
C LYS A 191 26.04 8.39 25.33
N CYS A 192 25.09 9.34 25.28
CA CYS A 192 25.23 10.58 26.05
C CYS A 192 24.07 10.83 27.01
N GLN A 193 23.29 9.81 27.31
CA GLN A 193 22.09 9.98 28.14
C GLN A 193 22.40 10.46 29.56
N ALA A 194 23.61 10.18 30.04
CA ALA A 194 24.00 10.53 31.40
C ALA A 194 24.12 12.05 31.58
N GLU A 195 24.35 12.75 30.48
CA GLU A 195 24.54 14.19 30.53
C GLU A 195 23.22 14.95 30.53
N PHE A 196 22.11 14.20 30.49
CA PHE A 196 20.78 14.82 30.47
C PHE A 196 20.02 14.57 31.77
N ASP A 197 20.11 15.54 32.69
CA ASP A 197 19.37 15.50 33.93
C ASP A 197 18.44 16.71 34.00
N ILE A 198 17.33 16.65 33.27
CA ILE A 198 16.45 17.80 33.10
C ILE A 198 15.46 17.92 34.24
N LYS A 199 15.48 19.07 34.91
CA LYS A 199 14.57 19.35 36.01
C LYS A 199 13.37 20.17 35.53
N ALA A 200 12.63 19.63 34.57
CA ALA A 200 11.46 20.30 34.02
C ALA A 200 10.43 19.30 33.52
N SER A 201 9.29 19.80 33.07
CA SER A 201 8.21 18.92 32.61
C SER A 201 8.26 18.73 31.10
N LEU A 202 7.47 17.77 30.61
CA LEU A 202 7.36 17.54 29.18
C LEU A 202 6.66 18.72 28.53
N GLY A 203 5.75 19.35 29.26
CA GLY A 203 5.01 20.50 28.78
C GLY A 203 5.89 21.72 28.59
N ASP A 204 6.92 21.84 29.42
CA ASP A 204 7.86 22.94 29.30
C ASP A 204 8.65 22.83 28.01
N LEU A 205 9.09 21.62 27.69
CA LEU A 205 9.79 21.36 26.44
C LEU A 205 8.93 21.74 25.25
N HIS A 206 7.68 21.29 25.27
CA HIS A 206 6.75 21.54 24.16
C HIS A 206 6.51 23.04 23.97
N ASN A 207 6.19 23.73 25.06
CA ASN A 207 5.90 25.16 25.02
C ASN A 207 7.06 26.02 24.52
N TYR A 208 8.28 25.54 24.76
CA TYR A 208 9.48 26.26 24.31
C TYR A 208 9.54 26.33 22.79
N PHE A 209 9.19 25.24 22.13
CA PHE A 209 9.23 25.18 20.67
C PHE A 209 7.93 25.72 20.05
N LEU A 210 6.85 25.68 20.83
CA LEU A 210 5.56 26.24 20.43
C LEU A 210 5.63 27.77 20.31
N GLU A 211 4.87 28.34 19.37
CA GLU A 211 4.89 29.78 19.15
C GLU A 211 3.49 30.37 18.96
N VAL A 212 2.47 29.65 19.43
CA VAL A 212 1.07 30.05 19.16
C VAL A 212 0.05 29.60 20.20
N LEU A 213 -0.02 28.30 20.50
CA LEU A 213 -1.03 27.72 21.39
C LEU A 213 -2.42 28.27 21.20
N ALA A 223 -12.09 9.69 20.21
CA ALA A 223 -11.36 8.88 21.19
C ALA A 223 -10.07 8.36 20.60
N ALA A 224 -10.17 7.54 19.56
CA ALA A 224 -8.98 6.97 18.96
C ALA A 224 -8.53 7.75 17.75
N GLY A 225 -7.37 8.39 17.86
CA GLY A 225 -6.84 9.17 16.77
C GLY A 225 -5.98 8.42 15.77
N VAL A 226 -6.31 8.56 14.49
CA VAL A 226 -5.55 7.93 13.42
C VAL A 226 -5.06 8.99 12.45
N VAL A 227 -3.75 9.01 12.21
CA VAL A 227 -3.15 10.01 11.33
C VAL A 227 -2.82 9.41 9.97
N LEU A 228 -3.39 9.98 8.92
CA LEU A 228 -3.10 9.55 7.57
C LEU A 228 -1.92 10.34 7.01
N GLN A 229 -1.15 9.73 6.11
CA GLN A 229 0.01 10.37 5.52
C GLN A 229 -0.05 10.33 4.01
N VAL A 230 0.83 11.10 3.37
CA VAL A 230 0.99 11.04 1.91
C VAL A 230 1.45 9.65 1.53
N GLU A 231 0.84 9.07 0.50
CA GLU A 231 1.01 7.64 0.21
C GLU A 231 2.32 7.28 -0.50
N ASP A 232 2.97 8.23 -1.16
CA ASP A 232 4.11 7.88 -2.02
C ASP A 232 5.44 8.52 -1.61
N ASP A 233 5.48 9.16 -0.45
CA ASP A 233 6.74 9.74 0.04
C ASP A 233 7.60 8.64 0.65
N SER A 234 8.84 8.96 0.98
CA SER A 234 9.80 7.96 1.43
C SER A 234 9.37 7.29 2.73
N ASN A 235 8.74 8.06 3.62
CA ASN A 235 8.25 7.55 4.90
C ASN A 235 7.31 6.34 4.76
N LEU A 236 6.37 6.42 3.83
CA LEU A 236 5.39 5.35 3.64
C LEU A 236 5.82 4.36 2.58
N ILE A 237 6.89 4.67 1.86
CA ILE A 237 7.40 3.77 0.83
C ILE A 237 8.45 2.82 1.37
N ALA A 238 9.32 3.33 2.25
CA ALA A 238 10.48 2.56 2.69
C ALA A 238 10.58 2.41 4.20
N TYR A 239 10.03 3.37 4.94
CA TYR A 239 10.23 3.40 6.39
C TYR A 239 8.95 3.07 7.16
N ASN A 240 8.06 2.31 6.53
CA ASN A 240 6.71 2.11 7.06
C ASN A 240 6.49 0.78 7.76
N HIS A 241 7.50 -0.09 7.77
CA HIS A 241 7.34 -1.45 8.29
C HIS A 241 6.16 -2.14 7.63
N ASP A 242 6.05 -1.95 6.32
CA ASP A 242 5.00 -2.53 5.48
C ASP A 242 3.59 -2.00 5.77
N PHE A 243 3.47 -1.04 6.68
CA PHE A 243 2.16 -0.46 6.98
C PHE A 243 1.76 0.57 5.93
N THR A 244 0.47 0.64 5.63
CA THR A 244 -0.06 1.65 4.73
C THR A 244 -1.18 2.40 5.43
N ASN A 245 -1.72 3.42 4.78
CA ASN A 245 -2.90 4.10 5.30
C ASN A 245 -4.05 3.13 5.49
N ILE A 246 -4.15 2.15 4.59
CA ILE A 246 -5.20 1.13 4.66
C ILE A 246 -5.05 0.23 5.88
N SER A 247 -3.85 -0.33 6.05
CA SER A 247 -3.59 -1.28 7.13
C SER A 247 -3.48 -0.58 8.48
N LEU A 248 -3.22 0.72 8.48
CA LEU A 248 -3.24 1.51 9.70
C LEU A 248 -4.68 1.59 10.23
N LEU A 249 -5.61 1.82 9.32
CA LEU A 249 -7.03 1.87 9.67
C LEU A 249 -7.51 0.50 10.12
N SER A 250 -7.04 -0.55 9.44
CA SER A 250 -7.37 -1.92 9.82
C SER A 250 -6.87 -2.24 11.22
N TYR A 251 -5.63 -1.84 11.49
CA TYR A 251 -5.01 -2.04 12.80
C TYR A 251 -5.85 -1.49 13.93
N VAL A 252 -6.38 -0.28 13.74
CA VAL A 252 -7.15 0.41 14.76
C VAL A 252 -8.56 -0.16 14.87
N ARG A 253 -9.16 -0.47 13.72
CA ARG A 253 -10.50 -1.04 13.69
C ARG A 253 -10.55 -2.38 14.42
N GLN A 254 -9.43 -3.11 14.41
CA GLN A 254 -9.30 -4.35 15.15
C GLN A 254 -9.43 -4.11 16.66
N ARG A 255 -9.08 -2.90 17.09
CA ARG A 255 -9.08 -2.57 18.51
C ARG A 255 -10.23 -1.66 18.93
N TYR A 256 -10.76 -0.89 17.98
CA TYR A 256 -11.81 0.08 18.30
C TYR A 256 -13.01 0.00 17.37
N GLU A 257 -14.15 0.47 17.86
CA GLU A 257 -15.34 0.60 17.03
C GLU A 257 -15.27 1.93 16.29
N LYS A 258 -15.97 2.03 15.16
CA LYS A 258 -15.93 3.22 14.32
C LYS A 258 -16.43 4.47 15.05
N GLU A 259 -17.24 4.27 16.09
CA GLU A 259 -17.73 5.37 16.90
C GLU A 259 -16.60 6.07 17.64
N ASP A 260 -15.57 5.29 17.98
CA ASP A 260 -14.50 5.80 18.83
C ASP A 260 -13.24 6.15 18.04
N ILE A 261 -13.36 6.22 16.72
CA ILE A 261 -12.20 6.52 15.88
C ILE A 261 -12.31 7.91 15.25
N LEU A 262 -11.28 8.72 15.43
CA LEU A 262 -11.19 10.03 14.80
C LEU A 262 -10.02 10.04 13.81
N VAL A 263 -10.27 10.44 12.57
CA VAL A 263 -9.25 10.37 11.53
C VAL A 263 -8.74 11.73 11.08
N ARG A 264 -7.44 11.95 11.24
CA ARG A 264 -6.79 13.17 10.78
C ARG A 264 -6.20 12.96 9.39
N ALA A 265 -6.85 13.53 8.40
CA ALA A 265 -6.46 13.34 7.00
C ALA A 265 -5.31 14.27 6.62
N HIS A 266 -4.55 13.86 5.62
CA HIS A 266 -3.46 14.68 5.11
C HIS A 266 -3.83 15.23 3.74
N PRO A 267 -3.92 16.57 3.63
CA PRO A 267 -4.38 17.23 2.40
C PRO A 267 -3.45 17.03 1.21
N GLY A 268 -2.22 16.58 1.46
CA GLY A 268 -1.27 16.33 0.40
C GLY A 268 -1.42 14.96 -0.21
N SER A 269 -2.29 14.14 0.37
CA SER A 269 -2.50 12.78 -0.12
C SER A 269 -3.15 12.77 -1.49
N LEU A 270 -2.92 11.70 -2.25
CA LEU A 270 -3.56 11.52 -3.54
C LEU A 270 -5.01 11.08 -3.39
N PHE A 271 -5.26 10.25 -2.37
CA PHE A 271 -6.59 9.73 -2.12
C PHE A 271 -7.20 10.31 -0.84
N ARG A 272 -8.53 10.32 -0.79
CA ARG A 272 -9.26 10.75 0.39
C ARG A 272 -10.26 9.67 0.80
N LEU A 273 -10.53 9.57 2.09
CA LEU A 273 -11.51 8.62 2.59
C LEU A 273 -12.90 8.97 2.07
N ARG A 274 -13.69 7.95 1.76
CA ARG A 274 -15.08 8.17 1.36
C ARG A 274 -15.83 8.79 2.53
N ASP A 275 -16.93 9.48 2.23
CA ASP A 275 -17.62 10.34 3.18
C ASP A 275 -18.04 9.63 4.47
N ASP A 276 -19.14 8.89 4.42
CA ASP A 276 -19.70 8.28 5.62
C ASP A 276 -19.09 6.90 5.90
N VAL A 277 -17.78 6.87 6.13
CA VAL A 277 -17.09 5.66 6.55
C VAL A 277 -16.48 5.86 7.93
N PHE A 278 -15.66 6.90 8.06
CA PHE A 278 -15.08 7.27 9.34
C PHE A 278 -15.47 8.68 9.75
N THR A 279 -15.34 8.98 11.03
CA THR A 279 -15.47 10.34 11.51
C THR A 279 -14.20 11.12 11.17
N ILE A 280 -14.29 12.01 10.20
CA ILE A 280 -13.14 12.78 9.74
C ILE A 280 -12.95 14.05 10.58
N ASP A 281 -11.75 14.21 11.13
CA ASP A 281 -11.43 15.38 11.94
C ASP A 281 -11.37 16.65 11.10
N ASP A 282 -11.83 17.76 11.67
CA ASP A 282 -11.76 19.05 10.99
C ASP A 282 -11.20 20.13 11.92
N SER A 283 -10.25 19.74 12.76
CA SER A 283 -9.61 20.69 13.66
C SER A 283 -8.76 21.68 12.88
N ALA A 284 -8.41 22.79 13.53
CA ALA A 284 -7.63 23.85 12.88
C ALA A 284 -6.18 23.43 12.70
N ASN A 285 -5.71 22.52 13.56
CA ASN A 285 -4.32 22.08 13.52
C ASN A 285 -4.15 20.72 14.18
N SER A 286 -2.91 20.21 14.17
CA SER A 286 -2.59 18.92 14.75
C SER A 286 -2.94 18.84 16.23
N LEU A 287 -2.49 19.85 16.98
CA LEU A 287 -2.72 19.90 18.42
C LEU A 287 -4.18 19.83 18.80
N ALA A 288 -5.01 20.56 18.05
CA ALA A 288 -6.45 20.58 18.30
C ALA A 288 -7.06 19.21 18.04
N PHE A 289 -6.50 18.50 17.08
CA PHE A 289 -6.94 17.13 16.78
C PHE A 289 -6.51 16.17 17.88
N ILE A 290 -5.28 16.33 18.36
CA ILE A 290 -4.70 15.42 19.35
C ILE A 290 -5.43 15.48 20.70
N ASN A 291 -5.86 16.67 21.09
CA ASN A 291 -6.54 16.85 22.37
C ASN A 291 -7.94 16.25 22.40
N GLN A 292 -8.40 15.75 21.26
CA GLN A 292 -9.72 15.14 21.17
C GLN A 292 -9.63 13.63 21.32
N CYS A 293 -8.42 13.13 21.49
CA CYS A 293 -8.20 11.69 21.48
C CYS A 293 -7.64 11.18 22.82
N ASN A 294 -7.98 9.95 23.17
CA ASN A 294 -7.43 9.32 24.35
C ASN A 294 -6.03 8.80 24.05
N GLU A 295 -5.85 8.32 22.81
CA GLU A 295 -4.53 7.93 22.33
C GLU A 295 -4.48 8.06 20.80
N VAL A 296 -3.28 8.24 20.28
CA VAL A 296 -3.08 8.48 18.85
C VAL A 296 -2.32 7.33 18.19
N PHE A 297 -2.74 6.98 16.98
CA PHE A 297 -2.07 5.93 16.20
C PHE A 297 -1.48 6.49 14.91
N THR A 298 -0.22 6.16 14.64
CA THR A 298 0.46 6.67 13.46
C THR A 298 1.50 5.69 12.94
N ILE A 299 1.83 5.80 11.66
CA ILE A 299 2.93 5.03 11.09
C ILE A 299 4.25 5.71 11.45
N ASN A 300 4.48 6.90 10.90
CA ASN A 300 5.66 7.68 11.26
C ASN A 300 5.51 9.17 10.97
N SER A 301 4.30 9.68 11.17
CA SER A 301 4.03 11.11 10.96
C SER A 301 4.61 11.97 12.07
N SER A 302 4.95 13.21 11.73
CA SER A 302 5.48 14.17 12.70
C SER A 302 4.44 14.49 13.77
N VAL A 303 3.17 14.33 13.44
CA VAL A 303 2.08 14.55 14.40
C VAL A 303 2.23 13.61 15.58
N GLY A 304 2.78 12.43 15.33
CA GLY A 304 3.07 11.46 16.38
C GLY A 304 4.04 11.99 17.42
N LEU A 305 4.97 12.83 16.98
CA LEU A 305 5.89 13.48 17.91
C LEU A 305 5.14 14.48 18.77
N GLU A 306 4.29 15.27 18.13
CA GLU A 306 3.49 16.27 18.84
C GLU A 306 2.61 15.62 19.91
N ALA A 307 2.08 14.44 19.59
CA ALA A 307 1.24 13.70 20.53
C ALA A 307 2.02 13.30 21.76
N ILE A 308 3.24 12.81 21.56
CA ILE A 308 4.11 12.41 22.67
C ILE A 308 4.50 13.62 23.52
N LEU A 309 4.78 14.74 22.86
CA LEU A 309 5.19 15.95 23.56
C LEU A 309 4.07 16.55 24.41
N THR A 310 2.83 16.19 24.11
CA THR A 310 1.69 16.66 24.90
C THR A 310 1.30 15.64 25.95
N GLY A 311 2.03 14.53 26.01
CA GLY A 311 1.81 13.51 27.02
C GLY A 311 0.66 12.57 26.69
N LYS A 312 0.28 12.51 25.42
CA LYS A 312 -0.76 11.60 24.98
C LYS A 312 -0.15 10.24 24.62
N LYS A 313 -0.86 9.17 24.96
CA LYS A 313 -0.42 7.83 24.60
C LYS A 313 -0.40 7.71 23.08
N THR A 314 0.71 7.20 22.54
CA THR A 314 0.91 7.17 21.09
C THR A 314 1.51 5.84 20.65
N THR A 315 0.94 5.27 19.59
CA THR A 315 1.48 4.05 19.02
C THR A 315 2.15 4.34 17.68
N VAL A 316 3.42 3.96 17.56
CA VAL A 316 4.20 4.21 16.36
C VAL A 316 4.54 2.91 15.65
N LEU A 317 3.91 2.68 14.50
CA LEU A 317 4.03 1.40 13.80
C LEU A 317 5.18 1.37 12.82
N GLY A 318 5.60 2.55 12.36
CA GLY A 318 6.69 2.63 11.40
C GLY A 318 7.98 3.10 12.03
N ASP A 319 9.03 3.17 11.21
CA ASP A 319 10.32 3.65 11.67
C ASP A 319 10.41 5.17 11.57
N CYS A 320 10.90 5.82 12.61
CA CYS A 320 11.10 7.26 12.60
C CYS A 320 12.07 7.70 13.69
N SER A 321 12.46 8.97 13.65
CA SER A 321 13.54 9.49 14.48
C SER A 321 13.18 9.64 15.95
N TYR A 322 11.88 9.74 16.26
CA TYR A 322 11.46 10.02 17.63
C TYR A 322 10.92 8.80 18.36
N ALA A 323 10.90 7.65 17.68
CA ALA A 323 10.33 6.42 18.24
C ALA A 323 10.98 6.00 19.55
N PHE A 324 12.27 6.26 19.70
CA PHE A 324 13.00 5.80 20.89
C PHE A 324 12.52 6.52 22.15
N ILE A 325 11.96 7.71 21.98
CA ILE A 325 11.40 8.46 23.10
C ILE A 325 10.20 7.71 23.68
N ASN A 326 9.40 7.13 22.79
CA ASN A 326 8.16 6.45 23.17
C ASN A 326 8.42 5.11 23.85
N GLU A 327 9.60 4.53 23.59
CA GLU A 327 9.95 3.22 24.11
C GLU A 327 10.48 3.27 25.55
N LEU A 328 10.39 4.44 26.18
CA LEU A 328 10.87 4.59 27.55
C LEU A 328 9.72 4.72 28.54
N ALA A 329 9.93 4.19 29.73
CA ALA A 329 8.93 4.24 30.79
C ALA A 329 9.39 5.17 31.91
N GLY A 330 8.53 6.11 32.27
CA GLY A 330 8.86 7.07 33.31
C GLY A 330 8.78 8.50 32.82
N ALA A 331 8.31 9.39 33.69
CA ALA A 331 8.23 10.81 33.35
C ALA A 331 9.62 11.39 33.16
N SER A 332 10.48 11.19 34.15
CA SER A 332 11.85 11.69 34.11
C SER A 332 12.62 11.15 32.89
N ALA A 333 12.39 9.88 32.57
CA ALA A 333 13.09 9.23 31.47
C ALA A 333 12.67 9.81 30.12
N THR A 334 11.37 10.01 29.95
CA THR A 334 10.82 10.53 28.70
C THR A 334 11.24 11.98 28.46
N VAL A 335 11.29 12.76 29.54
CA VAL A 335 11.69 14.16 29.46
C VAL A 335 13.15 14.29 29.04
N ASN A 336 14.04 13.52 29.67
CA ASN A 336 15.47 13.55 29.35
C ASN A 336 15.75 13.12 27.91
N ALA A 337 14.92 12.20 27.41
CA ALA A 337 15.02 11.73 26.04
C ALA A 337 14.51 12.79 25.06
N ALA A 338 13.37 13.38 25.40
CA ALA A 338 12.77 14.42 24.56
C ALA A 338 13.64 15.66 24.52
N ALA A 339 14.25 16.00 25.65
CA ALA A 339 15.16 17.13 25.72
C ALA A 339 16.33 16.93 24.77
N PHE A 340 16.88 15.72 24.74
CA PHE A 340 17.96 15.40 23.82
C PHE A 340 17.49 15.54 22.38
N TYR A 341 16.33 14.99 22.09
CA TYR A 341 15.78 14.99 20.74
C TYR A 341 15.57 16.42 20.23
N LEU A 342 15.02 17.26 21.10
CA LEU A 342 14.65 18.62 20.72
C LEU A 342 15.84 19.57 20.60
N PHE A 343 16.80 19.45 21.50
CA PHE A 343 17.89 20.42 21.57
C PHE A 343 19.19 19.95 20.94
N SER A 344 19.38 18.63 20.87
CA SER A 344 20.64 18.09 20.39
C SER A 344 20.50 17.40 19.03
N TYR A 345 19.45 16.59 18.88
CA TYR A 345 19.22 15.90 17.61
C TYR A 345 18.63 16.85 16.57
N LEU A 346 17.53 17.50 16.92
CA LEU A 346 16.95 18.50 16.03
C LEU A 346 17.87 19.71 15.93
N VAL A 347 17.91 20.31 14.74
CA VAL A 347 18.76 21.46 14.47
C VAL A 347 17.89 22.64 14.06
N PRO A 348 18.22 23.85 14.56
CA PRO A 348 17.60 25.07 14.02
C PRO A 348 17.69 25.09 12.50
N PHE A 349 16.55 25.29 11.83
CA PHE A 349 16.44 25.06 10.39
C PHE A 349 17.52 25.72 9.54
N ASP A 350 17.75 27.02 9.74
CA ASP A 350 18.71 27.75 8.91
C ASP A 350 20.13 27.22 9.02
N LEU A 351 20.45 26.59 10.15
CA LEU A 351 21.83 26.20 10.44
C LEU A 351 22.35 25.06 9.56
N VAL A 352 21.47 24.18 9.10
CA VAL A 352 21.91 23.05 8.29
C VAL A 352 22.24 23.50 6.87
N PHE A 353 22.01 24.78 6.59
CA PHE A 353 22.37 25.38 5.31
C PHE A 353 23.51 26.37 5.49
N ASN A 354 24.00 26.47 6.72
CA ASN A 354 25.10 27.36 7.06
C ASN A 354 26.42 26.59 7.07
N GLN A 355 27.32 26.95 6.16
CA GLN A 355 28.54 26.17 5.93
C GLN A 355 29.44 26.11 7.16
N GLU A 356 29.44 27.17 7.98
CA GLU A 356 30.26 27.18 9.19
C GLU A 356 29.73 26.19 10.24
N TYR A 357 28.42 26.17 10.45
CA TYR A 357 27.82 25.22 11.37
C TYR A 357 28.06 23.78 10.92
N LEU A 358 28.06 23.56 9.61
CA LEU A 358 28.24 22.23 9.06
C LEU A 358 29.68 21.74 9.26
N LYS A 359 30.62 22.67 9.12
CA LYS A 359 32.03 22.38 9.40
C LYS A 359 32.22 22.12 10.90
N PHE A 360 31.45 22.83 11.72
CA PHE A 360 31.41 22.60 13.16
C PHE A 360 30.96 21.17 13.49
N ARG A 361 29.87 20.72 12.87
CA ARG A 361 29.37 19.37 13.09
C ARG A 361 30.33 18.31 12.55
N LEU A 362 31.07 18.66 11.51
CA LEU A 362 32.00 17.72 10.89
C LEU A 362 33.12 17.30 11.84
N GLY A 363 33.51 18.21 12.73
CA GLY A 363 34.56 17.94 13.69
C GLY A 363 34.09 17.08 14.85
N HIS A 364 32.82 16.70 14.80
CA HIS A 364 32.18 15.89 15.85
C HIS A 364 32.46 16.41 17.25
N PRO A 365 31.79 17.51 17.62
CA PRO A 365 31.96 18.12 18.94
C PRO A 365 31.15 17.40 20.01
N GLU A 366 31.31 17.83 21.26
CA GLU A 366 30.54 17.25 22.37
C GLU A 366 29.10 17.75 22.33
N GLU A 367 28.21 17.01 22.99
CA GLU A 367 26.78 17.32 22.97
C GLU A 367 26.47 18.70 23.54
N ARG A 368 27.23 19.12 24.55
CA ARG A 368 27.07 20.41 25.20
C ARG A 368 27.31 21.56 24.22
N GLU A 369 28.36 21.43 23.41
CA GLU A 369 28.69 22.42 22.40
C GLU A 369 27.57 22.53 21.37
N ILE A 370 27.02 21.38 20.99
CA ILE A 370 25.94 21.36 20.02
C ILE A 370 24.69 22.03 20.59
N VAL A 371 24.30 21.63 21.81
CA VAL A 371 23.15 22.21 22.48
C VAL A 371 23.35 23.72 22.67
N GLY A 372 24.57 24.11 23.03
CA GLY A 372 24.91 25.51 23.20
C GLY A 372 24.73 26.32 21.93
N LYS A 373 25.21 25.78 20.81
CA LYS A 373 25.03 26.42 19.51
C LYS A 373 23.55 26.61 19.18
N HIS A 374 22.76 25.58 19.41
CA HIS A 374 21.34 25.59 19.07
C HIS A 374 20.56 26.60 19.92
N ILE A 375 20.78 26.60 21.23
CA ILE A 375 20.08 27.51 22.12
C ILE A 375 20.47 28.96 21.83
N GLU A 376 21.75 29.18 21.50
CA GLU A 376 22.22 30.50 21.07
C GLU A 376 21.41 31.02 19.89
N PHE A 377 21.14 30.15 18.92
CA PHE A 377 20.36 30.51 17.75
C PHE A 377 18.90 30.79 18.11
N TYR A 378 18.28 29.83 18.82
CA TYR A 378 16.89 29.95 19.24
C TYR A 378 16.63 31.23 20.03
N SER A 379 17.61 31.63 20.83
CA SER A 379 17.50 32.83 21.65
C SER A 379 17.79 34.10 20.87
N ALA A 380 18.33 33.92 19.66
CA ALA A 380 18.75 35.04 18.82
C ALA A 380 19.72 35.95 19.57
N ASP A 381 20.64 35.34 20.31
CA ASP A 381 21.59 36.10 21.12
C ASP A 381 23.01 36.00 20.56
N PRO A 383 26.96 34.28 22.78
CA PRO A 383 27.48 34.05 24.14
C PRO A 383 27.54 35.30 25.01
N GLN A 388 31.03 28.81 26.64
CA GLN A 388 31.08 30.20 27.06
C GLN A 388 30.77 30.35 28.55
N ALA A 389 29.51 30.11 28.92
CA ALA A 389 29.11 30.16 30.32
C ALA A 389 29.49 28.86 31.04
N ALA A 390 29.40 28.88 32.37
CA ALA A 390 29.81 27.73 33.17
C ALA A 390 28.71 26.67 33.26
N HIS A 391 27.58 26.93 32.61
CA HIS A 391 26.44 26.01 32.63
C HIS A 391 26.78 24.63 32.08
N SER A 392 26.27 23.60 32.74
CA SER A 392 26.30 22.26 32.19
C SER A 392 25.27 22.19 31.08
N LEU A 393 25.27 21.08 30.34
CA LEU A 393 24.30 20.88 29.27
C LEU A 393 22.87 21.00 29.80
N SER A 394 22.57 20.26 30.87
CA SER A 394 21.25 20.27 31.47
C SER A 394 20.86 21.64 32.02
N SER A 395 21.84 22.36 32.57
CA SER A 395 21.61 23.69 33.11
C SER A 395 21.19 24.68 32.03
N LEU A 396 21.82 24.60 30.87
CA LEU A 396 21.42 25.41 29.73
C LEU A 396 19.99 25.14 29.36
N ILE A 397 19.66 23.86 29.21
CA ILE A 397 18.32 23.45 28.82
C ILE A 397 17.29 23.83 29.88
N ASN A 398 17.60 23.55 31.14
CA ASN A 398 16.69 23.88 32.24
C ASN A 398 16.36 25.37 32.28
N GLU A 399 17.38 26.21 32.16
CA GLU A 399 17.16 27.65 32.20
C GLU A 399 16.41 28.15 30.97
N ALA A 400 16.69 27.54 29.82
CA ALA A 400 16.10 27.96 28.55
C ALA A 400 14.59 27.78 28.54
N ILE A 401 14.10 26.74 29.20
CA ILE A 401 12.68 26.41 29.16
C ILE A 401 11.93 26.74 30.44
N SER A 402 12.64 27.20 31.46
CA SER A 402 12.01 27.51 32.74
C SER A 402 11.31 28.88 32.70
N LEU A 403 10.33 29.04 33.59
CA LEU A 403 9.59 30.30 33.68
C LEU A 403 10.35 31.32 34.51
N GLU A 404 10.47 32.54 33.98
CA GLU A 404 11.06 33.63 34.73
C GLU A 404 10.12 34.84 34.77
N HIS A 405 9.83 35.30 35.98
CA HIS A 405 8.91 36.42 36.17
C HIS A 405 9.52 37.75 35.73
N HIS A 406 8.66 38.64 35.24
CA HIS A 406 9.07 39.99 34.90
C HIS A 406 9.33 40.80 36.17
N HIS A 407 10.14 41.84 36.05
CA HIS A 407 10.51 42.65 37.21
C HIS A 407 9.64 43.91 37.30
N HIS A 408 9.55 44.47 38.50
CA HIS A 408 8.78 45.68 38.73
C HIS A 408 9.22 46.41 39.99
N GLY B 2 -19.40 -37.05 0.20
CA GLY B 2 -19.93 -35.82 0.78
C GLY B 2 -18.98 -34.65 0.64
N LEU B 3 -19.52 -33.45 0.73
CA LEU B 3 -18.72 -32.23 0.60
C LEU B 3 -18.18 -31.74 1.93
N ALA B 4 -16.99 -31.15 1.90
CA ALA B 4 -16.47 -30.43 3.05
C ALA B 4 -16.20 -28.99 2.66
N VAL B 5 -17.04 -28.07 3.14
CA VAL B 5 -16.93 -26.67 2.76
C VAL B 5 -16.19 -25.85 3.81
N PHE B 6 -15.11 -25.21 3.39
CA PHE B 6 -14.25 -24.44 4.28
C PHE B 6 -14.64 -22.96 4.26
N LEU B 7 -15.13 -22.46 5.39
CA LEU B 7 -15.54 -21.05 5.50
C LEU B 7 -14.98 -20.42 6.78
N PRO B 8 -13.73 -19.94 6.72
CA PRO B 8 -13.00 -19.41 7.88
C PRO B 8 -13.64 -18.15 8.45
N PRO B 9 -13.66 -18.04 9.79
CA PRO B 9 -14.31 -16.96 10.54
C PRO B 9 -13.43 -15.73 10.74
N TYR B 10 -12.13 -15.88 10.46
CA TYR B 10 -11.14 -14.84 10.73
C TYR B 10 -11.49 -13.52 10.06
N PRO B 11 -11.73 -12.48 10.87
CA PRO B 11 -12.17 -11.17 10.38
C PRO B 11 -11.04 -10.34 9.81
N PHE B 12 -10.34 -10.86 8.80
CA PHE B 12 -9.21 -10.15 8.20
C PHE B 12 -9.59 -8.77 7.70
N ARG B 13 -10.79 -8.65 7.13
CA ARG B 13 -11.25 -7.40 6.56
C ARG B 13 -12.22 -6.66 7.48
N GLY B 14 -12.25 -7.05 8.75
CA GLY B 14 -13.04 -6.36 9.76
C GLY B 14 -14.49 -6.81 9.82
N LEU B 15 -14.80 -7.89 9.13
CA LEU B 15 -16.17 -8.40 9.08
C LEU B 15 -16.26 -9.82 9.62
N LYS B 16 -17.15 -10.02 10.59
CA LYS B 16 -17.42 -11.36 11.12
C LYS B 16 -18.17 -12.19 10.08
N ALA B 17 -17.94 -13.50 10.12
CA ALA B 17 -18.51 -14.44 9.15
C ALA B 17 -18.48 -13.87 7.74
N PRO B 18 -17.29 -13.53 7.24
CA PRO B 18 -17.18 -12.78 5.98
C PRO B 18 -17.78 -13.52 4.79
N TYR B 19 -17.71 -14.85 4.81
CA TYR B 19 -18.19 -15.65 3.69
C TYR B 19 -19.57 -16.24 3.97
N LEU B 20 -20.39 -15.49 4.69
CA LEU B 20 -21.72 -15.94 5.09
C LEU B 20 -22.63 -16.26 3.91
N TRP B 21 -22.49 -15.52 2.82
CA TRP B 21 -23.38 -15.71 1.67
C TRP B 21 -23.20 -17.10 1.05
N PHE B 23 -22.21 -19.77 2.77
CA PHE B 23 -22.84 -20.64 3.76
C PHE B 23 -24.33 -20.78 3.44
N TYR B 24 -25.01 -19.65 3.35
CA TYR B 24 -26.44 -19.63 3.04
C TYR B 24 -26.77 -20.30 1.72
N LYS B 25 -25.91 -20.08 0.73
CA LYS B 25 -26.12 -20.63 -0.60
C LYS B 25 -26.02 -22.15 -0.62
N TYR B 26 -24.98 -22.70 0.01
CA TYR B 26 -24.82 -24.15 0.06
C TYR B 26 -25.92 -24.81 0.87
N LEU B 27 -26.34 -24.15 1.96
CA LEU B 27 -27.45 -24.63 2.76
C LEU B 27 -28.75 -24.69 1.95
N HIS B 28 -28.97 -23.65 1.16
CA HIS B 28 -30.18 -23.55 0.35
C HIS B 28 -30.21 -24.58 -0.77
N CYS B 29 -29.03 -24.94 -1.27
CA CYS B 29 -28.91 -25.82 -2.43
C CYS B 29 -28.61 -27.28 -2.05
N ALA B 30 -28.30 -27.51 -0.77
CA ALA B 30 -27.88 -28.82 -0.30
C ALA B 30 -28.94 -29.90 -0.50
N THR B 31 -28.49 -31.10 -0.86
CA THR B 31 -29.37 -32.26 -0.99
C THR B 31 -28.95 -33.36 -0.02
N ASP B 32 -27.65 -33.47 0.20
CA ASP B 32 -27.10 -34.39 1.18
C ASP B 32 -26.36 -33.61 2.25
N SER B 33 -26.02 -34.28 3.35
CA SER B 33 -25.31 -33.64 4.45
C SER B 33 -23.96 -33.09 4.00
N ILE B 34 -23.63 -31.90 4.48
CA ILE B 34 -22.36 -31.26 4.18
C ILE B 34 -21.56 -31.07 5.46
N LEU B 35 -20.25 -31.30 5.39
CA LEU B 35 -19.38 -30.96 6.50
C LEU B 35 -18.89 -29.53 6.36
N PHE B 36 -19.33 -28.64 7.25
CA PHE B 36 -18.85 -27.27 7.24
C PHE B 36 -17.70 -27.09 8.24
N ILE B 37 -16.55 -26.68 7.74
CA ILE B 37 -15.43 -26.32 8.61
C ILE B 37 -15.40 -24.79 8.70
N THR B 38 -15.86 -24.27 9.83
CA THR B 38 -16.17 -22.85 9.90
C THR B 38 -16.02 -22.30 11.32
N GLY B 39 -16.68 -21.19 11.62
CA GLY B 39 -16.62 -20.60 12.94
C GLY B 39 -18.00 -20.45 13.55
N GLU B 40 -18.05 -20.27 14.87
CA GLU B 40 -19.31 -20.15 15.60
C GLU B 40 -20.14 -18.94 15.16
N ASP B 41 -19.47 -17.90 14.67
CA ASP B 41 -20.15 -16.69 14.21
C ASP B 41 -21.14 -17.00 13.08
N TYR B 42 -20.76 -17.93 12.20
CA TYR B 42 -21.62 -18.37 11.11
C TYR B 42 -22.91 -19.02 11.62
N LEU B 43 -22.89 -19.52 12.85
CA LEU B 43 -24.03 -20.26 13.39
C LEU B 43 -24.96 -19.38 14.22
N SER B 44 -24.47 -18.23 14.66
CA SER B 44 -25.26 -17.36 15.51
C SER B 44 -25.78 -16.13 14.79
N VAL B 45 -25.22 -15.84 13.61
CA VAL B 45 -25.49 -14.56 12.95
C VAL B 45 -26.92 -14.45 12.43
N THR B 46 -27.48 -15.56 11.94
CA THR B 46 -28.84 -15.56 11.43
C THR B 46 -29.85 -15.13 12.50
N ASP B 47 -29.59 -15.54 13.74
CA ASP B 47 -30.46 -15.20 14.87
C ASP B 47 -29.96 -13.99 15.66
N ASP B 48 -28.87 -13.38 15.20
CA ASP B 48 -28.30 -12.22 15.88
C ASP B 48 -29.06 -10.95 15.52
N GLU B 49 -29.76 -10.39 16.51
CA GLU B 49 -30.60 -9.22 16.28
C GLU B 49 -29.80 -7.93 16.11
N ALA B 50 -28.47 -8.02 16.22
CA ALA B 50 -27.62 -6.84 16.11
C ALA B 50 -26.99 -6.75 14.72
N GLN B 51 -27.05 -7.85 13.97
CA GLN B 51 -26.47 -7.88 12.64
C GLN B 51 -27.54 -7.93 11.57
N ARG B 52 -28.71 -7.37 11.89
CA ARG B 52 -29.87 -7.41 11.00
C ARG B 52 -29.66 -6.60 9.72
N ALA B 53 -28.73 -5.66 9.73
CA ALA B 53 -28.51 -4.79 8.58
C ALA B 53 -27.43 -5.30 7.63
N ARG B 54 -26.92 -6.49 7.88
CA ARG B 54 -25.92 -7.10 6.99
C ARG B 54 -26.50 -7.28 5.59
N TRP B 55 -25.66 -7.14 4.57
CA TRP B 55 -26.15 -7.17 3.19
C TRP B 55 -26.68 -8.55 2.81
N GLU B 56 -26.22 -9.59 3.49
CA GLU B 56 -26.69 -10.95 3.23
C GLU B 56 -28.17 -11.11 3.52
N PHE B 57 -28.72 -10.24 4.35
CA PHE B 57 -30.13 -10.30 4.72
C PHE B 57 -31.00 -9.43 3.83
N ASP B 58 -30.36 -8.64 2.96
CA ASP B 58 -31.06 -7.81 1.98
C ASP B 58 -31.78 -8.70 0.97
N PRO B 59 -33.11 -8.55 0.87
CA PRO B 59 -33.92 -9.28 -0.11
C PRO B 59 -33.37 -9.20 -1.53
N ALA B 60 -32.76 -8.08 -1.88
CA ALA B 60 -32.17 -7.92 -3.20
C ALA B 60 -30.95 -8.83 -3.37
N SER B 61 -30.18 -8.99 -2.31
CA SER B 61 -28.99 -9.84 -2.34
C SER B 61 -29.37 -11.32 -2.34
N ALA B 63 -32.00 -12.55 -3.60
CA ALA B 63 -32.53 -12.84 -4.93
C ALA B 63 -31.41 -12.87 -5.97
N SER B 64 -30.46 -11.94 -5.83
CA SER B 64 -29.33 -11.84 -6.75
C SER B 64 -28.46 -13.09 -6.72
N LEU B 65 -28.18 -13.58 -5.51
CA LEU B 65 -27.30 -14.74 -5.34
C LEU B 65 -28.10 -16.04 -5.29
N GLY B 66 -29.43 -15.91 -5.23
CA GLY B 66 -30.31 -17.06 -5.30
C GLY B 66 -30.28 -17.97 -4.08
N TYR B 67 -30.54 -17.41 -2.91
CA TYR B 67 -30.74 -18.21 -1.71
C TYR B 67 -31.85 -17.63 -0.85
N GLU B 68 -32.31 -18.42 0.10
CA GLU B 68 -33.19 -17.93 1.17
C GLU B 68 -32.51 -18.20 2.50
N LEU B 69 -33.00 -17.58 3.57
CA LEU B 69 -32.42 -17.79 4.89
C LEU B 69 -32.80 -19.18 5.40
N PRO B 70 -31.83 -19.88 6.00
CA PRO B 70 -32.06 -21.24 6.50
C PRO B 70 -32.92 -21.24 7.77
N ASN B 71 -33.82 -22.21 7.88
CA ASN B 71 -34.53 -22.41 9.14
C ASN B 71 -33.72 -23.37 10.01
N ALA B 72 -34.28 -23.78 11.13
CA ALA B 72 -33.57 -24.64 12.07
C ALA B 72 -33.20 -25.98 11.43
N GLN B 73 -34.15 -26.58 10.73
CA GLN B 73 -33.92 -27.88 10.09
C GLN B 73 -32.79 -27.80 9.07
N SER B 74 -32.75 -26.70 8.32
CA SER B 74 -31.79 -26.55 7.23
C SER B 74 -30.36 -26.49 7.75
N ALA B 76 -29.28 -27.32 10.96
CA ALA B 76 -28.93 -28.34 11.94
C ALA B 76 -28.69 -29.73 11.34
N CYS B 77 -29.07 -29.92 10.08
CA CYS B 77 -29.01 -31.24 9.46
C CYS B 77 -27.66 -31.55 8.82
N HIS B 78 -26.67 -30.70 9.06
CA HIS B 78 -25.32 -30.92 8.54
C HIS B 78 -24.32 -31.20 9.67
N GLU B 79 -23.07 -31.44 9.29
CA GLU B 79 -21.99 -31.62 10.25
C GLU B 79 -21.15 -30.36 10.36
N TYR B 80 -20.68 -30.05 11.56
CA TYR B 80 -19.89 -28.85 11.76
C TYR B 80 -18.58 -29.11 12.50
N LEU B 81 -17.55 -28.39 12.09
CA LEU B 81 -16.30 -28.31 12.83
C LEU B 81 -15.97 -26.84 12.97
N THR B 82 -15.88 -26.36 14.20
CA THR B 82 -15.72 -24.94 14.46
C THR B 82 -14.27 -24.58 14.79
N LEU B 83 -13.73 -23.62 14.04
CA LEU B 83 -12.37 -23.18 14.21
C LEU B 83 -12.23 -22.29 15.44
N ASP B 84 -11.16 -22.47 16.20
CA ASP B 84 -10.97 -21.76 17.45
C ASP B 84 -10.83 -20.26 17.26
N ASN B 85 -11.60 -19.51 18.05
CA ASN B 85 -11.65 -18.06 17.94
C ASN B 85 -10.33 -17.35 18.24
N ALA B 86 -9.45 -18.04 18.98
CA ALA B 86 -8.23 -17.43 19.50
C ALA B 86 -7.07 -17.41 18.49
N PHE B 87 -7.15 -18.24 17.46
CA PHE B 87 -6.03 -18.37 16.52
C PHE B 87 -5.76 -17.09 15.74
N TYR B 88 -6.81 -16.29 15.53
CA TYR B 88 -6.68 -15.05 14.78
C TYR B 88 -5.75 -14.06 15.49
N GLU B 89 -5.97 -13.85 16.78
CA GLU B 89 -5.13 -12.96 17.57
C GLU B 89 -3.68 -13.44 17.59
N THR B 90 -3.50 -14.76 17.62
CA THR B 90 -2.17 -15.36 17.60
C THR B 90 -1.48 -15.10 16.26
N LEU B 91 -2.24 -15.19 15.17
CA LEU B 91 -1.71 -14.93 13.84
C LEU B 91 -1.32 -13.47 13.68
N LEU B 92 -2.16 -12.59 14.23
CA LEU B 92 -1.92 -11.15 14.23
C LEU B 92 -0.61 -10.78 14.91
N SER B 93 -0.37 -11.36 16.08
CA SER B 93 0.83 -11.05 16.86
CA SER B 93 0.83 -11.05 16.86
C SER B 93 2.11 -11.44 16.13
N ARG B 94 2.00 -12.36 15.18
CA ARG B 94 3.17 -12.82 14.44
C ARG B 94 3.39 -11.99 13.17
N HIS B 95 2.50 -11.02 12.95
CA HIS B 95 2.62 -10.11 11.81
C HIS B 95 2.40 -8.67 12.25
N HIS B 96 2.88 -8.35 13.45
CA HIS B 96 2.80 -6.99 14.00
C HIS B 96 1.37 -6.47 14.07
N HIS B 97 0.42 -7.39 14.27
CA HIS B 97 -1.01 -7.06 14.38
C HIS B 97 -1.55 -6.31 13.17
N ASP B 98 -0.89 -6.49 12.03
CA ASP B 98 -1.39 -6.02 10.75
C ASP B 98 -2.34 -7.06 10.20
N PRO B 99 -3.65 -6.76 10.18
CA PRO B 99 -4.65 -7.69 9.69
C PRO B 99 -4.48 -8.00 8.21
N ILE B 100 -3.99 -7.02 7.46
CA ILE B 100 -3.79 -7.19 6.01
C ILE B 100 -2.66 -8.17 5.72
N LYS B 101 -1.49 -7.93 6.31
CA LYS B 101 -0.34 -8.81 6.14
C LYS B 101 -0.65 -10.21 6.68
N SER B 102 -1.49 -10.27 7.70
CA SER B 102 -1.95 -11.55 8.24
C SER B 102 -2.81 -12.28 7.21
N PHE B 103 -3.69 -11.53 6.55
CA PHE B 103 -4.54 -12.07 5.50
C PHE B 103 -3.70 -12.65 4.36
N SER B 104 -2.66 -11.92 3.97
CA SER B 104 -1.80 -12.33 2.88
C SER B 104 -1.11 -13.66 3.18
N ALA B 105 -0.60 -13.80 4.40
CA ALA B 105 0.06 -15.02 4.82
C ALA B 105 -0.92 -16.19 4.83
N PHE B 106 -2.14 -15.92 5.26
CA PHE B 106 -3.21 -16.91 5.28
C PHE B 106 -3.49 -17.44 3.87
N LEU B 107 -3.32 -16.58 2.87
CA LEU B 107 -3.66 -16.91 1.49
C LEU B 107 -2.53 -17.56 0.71
N THR B 108 -1.28 -17.38 1.15
CA THR B 108 -0.14 -17.75 0.32
C THR B 108 0.88 -18.64 1.02
N GLU B 109 0.73 -18.84 2.32
CA GLU B 109 1.71 -19.60 3.07
C GLU B 109 1.05 -20.72 3.89
N ARG B 110 1.83 -21.76 4.20
CA ARG B 110 1.40 -22.79 5.12
C ARG B 110 1.60 -22.31 6.55
N ILE B 111 0.55 -22.35 7.35
CA ILE B 111 0.62 -21.95 8.75
C ILE B 111 0.47 -23.16 9.66
N PRO B 112 1.58 -23.58 10.29
CA PRO B 112 1.66 -24.79 11.12
C PRO B 112 0.57 -24.87 12.18
N ASP B 113 0.36 -23.81 12.94
CA ASP B 113 -0.68 -23.79 13.97
C ASP B 113 -2.06 -24.10 13.38
N LEU B 114 -2.34 -23.53 12.22
CA LEU B 114 -3.62 -23.74 11.56
C LEU B 114 -3.78 -25.17 11.07
N GLU B 115 -2.71 -25.72 10.52
CA GLU B 115 -2.72 -27.11 10.06
C GLU B 115 -2.96 -28.05 11.25
N THR B 116 -2.29 -27.76 12.36
CA THR B 116 -2.45 -28.54 13.57
C THR B 116 -3.90 -28.58 14.04
N GLU B 117 -4.53 -27.41 14.10
CA GLU B 117 -5.91 -27.33 14.57
C GLU B 117 -6.86 -28.05 13.61
N LEU B 118 -6.60 -27.88 12.31
CA LEU B 118 -7.40 -28.56 11.29
C LEU B 118 -7.30 -30.07 11.45
N HIS B 119 -6.09 -30.58 11.68
CA HIS B 119 -5.89 -32.01 11.91
C HIS B 119 -6.67 -32.48 13.13
N ALA B 120 -6.62 -31.70 14.21
CA ALA B 120 -7.31 -32.06 15.45
C ALA B 120 -8.83 -32.10 15.26
N LEU B 121 -9.35 -31.13 14.51
CA LEU B 121 -10.78 -31.06 14.26
C LEU B 121 -11.25 -32.22 13.40
N LEU B 122 -10.49 -32.54 12.37
CA LEU B 122 -10.86 -33.62 11.45
C LEU B 122 -10.75 -34.98 12.13
N ASP B 123 -9.80 -35.11 13.05
CA ASP B 123 -9.60 -36.38 13.76
C ASP B 123 -10.75 -36.68 14.73
N SER B 124 -11.49 -35.64 15.12
CA SER B 124 -12.57 -35.81 16.09
C SER B 124 -13.80 -36.45 15.44
N LYS B 125 -13.82 -36.46 14.11
CA LYS B 125 -14.92 -37.07 13.36
C LYS B 125 -14.37 -37.88 12.19
N LYS B 126 -13.39 -38.74 12.47
CA LYS B 126 -12.64 -39.44 11.42
C LYS B 126 -13.54 -40.28 10.51
N GLY B 127 -14.57 -40.89 11.09
CA GLY B 127 -15.53 -41.66 10.31
C GLY B 127 -16.24 -40.78 9.28
N ILE B 128 -16.59 -39.56 9.70
CA ILE B 128 -17.21 -38.60 8.80
C ILE B 128 -16.25 -38.20 7.67
N ILE B 129 -14.99 -38.01 8.04
CA ILE B 129 -13.97 -37.51 7.10
C ILE B 129 -13.68 -38.52 5.98
N ASP B 130 -13.73 -39.81 6.32
CA ASP B 130 -13.50 -40.87 5.35
C ASP B 130 -14.52 -40.83 4.21
N GLN B 131 -15.70 -40.29 4.50
CA GLN B 131 -16.76 -40.21 3.50
C GLN B 131 -16.69 -38.95 2.65
N ILE B 132 -15.81 -38.02 3.02
CA ILE B 132 -15.69 -36.76 2.30
C ILE B 132 -15.09 -36.97 0.92
N ASP B 133 -15.76 -36.44 -0.10
CA ASP B 133 -15.33 -36.61 -1.48
C ASP B 133 -14.31 -35.54 -1.89
N THR B 134 -14.56 -34.30 -1.47
CA THR B 134 -13.66 -33.21 -1.78
C THR B 134 -13.81 -32.07 -0.78
N PHE B 135 -12.79 -31.23 -0.71
CA PHE B 135 -12.86 -29.99 0.06
C PHE B 135 -13.19 -28.84 -0.86
N ILE B 136 -13.91 -27.86 -0.33
CA ILE B 136 -14.26 -26.66 -1.08
C ILE B 136 -13.84 -25.44 -0.29
N SER B 137 -13.18 -24.49 -0.95
CA SER B 137 -12.77 -23.25 -0.30
C SER B 137 -13.08 -22.04 -1.17
N ILE B 138 -13.47 -20.95 -0.53
CA ILE B 138 -13.78 -19.72 -1.25
C ILE B 138 -12.50 -18.94 -1.57
N CYS B 139 -11.41 -19.33 -0.93
CA CYS B 139 -10.12 -18.66 -1.13
C CYS B 139 -8.97 -19.63 -1.03
N ASN B 140 -7.80 -19.23 -1.53
CA ASN B 140 -6.59 -20.03 -1.39
C ASN B 140 -6.19 -20.15 0.07
N CYS B 141 -5.66 -21.32 0.44
CA CYS B 141 -5.25 -21.54 1.82
C CYS B 141 -4.35 -22.77 1.93
N PRO B 142 -3.05 -22.57 1.70
CA PRO B 142 -2.05 -23.66 1.67
C PRO B 142 -2.11 -24.57 2.91
N SER B 143 -2.49 -24.00 4.05
CA SER B 143 -2.71 -24.81 5.25
C SER B 143 -3.76 -25.87 4.97
N LEU B 144 -4.93 -25.42 4.52
CA LEU B 144 -6.03 -26.34 4.22
C LEU B 144 -5.67 -27.30 3.10
N GLU B 145 -4.96 -26.79 2.10
CA GLU B 145 -4.62 -27.57 0.93
C GLU B 145 -3.63 -28.68 1.25
N HIS B 146 -2.68 -28.41 2.14
CA HIS B 146 -1.76 -29.43 2.60
C HIS B 146 -2.51 -30.50 3.40
N VAL B 147 -3.35 -30.06 4.31
CA VAL B 147 -4.13 -30.97 5.15
C VAL B 147 -4.97 -31.90 4.30
N ALA B 148 -5.56 -31.36 3.24
CA ALA B 148 -6.38 -32.16 2.32
C ALA B 148 -5.56 -33.20 1.58
N ARG B 149 -4.30 -32.88 1.27
CA ARG B 149 -3.44 -33.82 0.56
C ARG B 149 -3.10 -35.03 1.41
N THR B 150 -2.98 -34.82 2.72
CA THR B 150 -2.67 -35.90 3.65
C THR B 150 -3.82 -36.89 3.74
N LEU B 151 -5.01 -36.44 3.39
CA LEU B 151 -6.20 -37.29 3.41
C LEU B 151 -6.49 -37.84 2.03
N GLY B 152 -5.63 -37.50 1.06
CA GLY B 152 -5.84 -37.91 -0.32
C GLY B 152 -7.04 -37.23 -0.96
N LYS B 153 -7.34 -36.01 -0.50
CA LYS B 153 -8.48 -35.27 -1.01
C LYS B 153 -8.05 -34.00 -1.72
N GLU B 154 -8.91 -33.49 -2.60
CA GLU B 154 -8.60 -32.27 -3.34
C GLU B 154 -9.34 -31.06 -2.75
N VAL B 155 -8.90 -29.87 -3.14
CA VAL B 155 -9.58 -28.64 -2.76
C VAL B 155 -10.08 -27.88 -3.98
N HIS B 157 -11.42 -24.67 -5.38
CA HIS B 157 -11.49 -23.26 -5.04
C HIS B 157 -12.62 -22.62 -5.85
N ILE B 158 -13.61 -22.09 -5.13
CA ILE B 158 -14.85 -21.64 -5.74
C ILE B 158 -15.20 -20.22 -5.32
N GLU B 159 -15.53 -19.38 -6.29
CA GLU B 159 -15.78 -17.98 -6.01
C GLU B 159 -16.69 -17.38 -7.09
N ILE B 160 -17.36 -16.29 -6.76
CA ILE B 160 -18.13 -15.50 -7.72
C ILE B 160 -17.27 -15.15 -8.95
N GLY B 161 -17.82 -15.35 -10.15
CA GLY B 161 -17.08 -15.17 -11.39
C GLY B 161 -16.97 -13.72 -11.85
N PRO B 162 -16.21 -13.49 -12.94
CA PRO B 162 -15.95 -12.17 -13.51
C PRO B 162 -17.13 -11.57 -14.28
N LEU B 163 -17.98 -12.43 -14.83
CA LEU B 163 -19.17 -11.97 -15.56
C LEU B 163 -20.43 -12.20 -14.74
N ARG B 164 -21.18 -11.13 -14.51
CA ARG B 164 -22.36 -11.19 -13.65
C ARG B 164 -23.55 -10.38 -14.17
N ALA B 165 -24.74 -10.73 -13.68
CA ALA B 165 -25.94 -9.95 -13.92
C ALA B 165 -25.80 -8.55 -13.32
N PRO B 166 -26.50 -7.54 -13.87
CA PRO B 166 -27.45 -7.59 -15.00
C PRO B 166 -26.78 -7.65 -16.37
N TYR B 168 -24.18 -9.48 -17.68
CA TYR B 168 -23.91 -10.78 -18.29
C TYR B 168 -24.66 -11.92 -17.62
N ARG B 169 -24.55 -13.11 -18.20
CA ARG B 169 -25.00 -14.32 -17.53
C ARG B 169 -24.12 -14.53 -16.30
N ASN B 170 -24.72 -14.98 -15.21
CA ASN B 170 -23.96 -15.21 -13.99
C ASN B 170 -22.98 -16.37 -14.14
N THR B 171 -21.74 -16.14 -13.74
CA THR B 171 -20.69 -17.14 -13.83
C THR B 171 -20.00 -17.35 -12.48
N ALA B 172 -19.23 -18.43 -12.38
CA ALA B 172 -18.49 -18.72 -11.16
C ALA B 172 -17.12 -19.32 -11.47
N TYR B 173 -16.22 -19.27 -10.49
CA TYR B 173 -14.91 -19.88 -10.59
C TYR B 173 -14.92 -21.27 -9.97
N LEU B 174 -14.21 -22.21 -10.60
CA LEU B 174 -13.96 -23.52 -10.01
C LEU B 174 -12.57 -23.96 -10.40
N ASP B 175 -11.66 -23.94 -9.44
CA ASP B 175 -10.25 -24.16 -9.72
C ASP B 175 -9.61 -25.08 -8.69
N PHE B 176 -8.96 -26.14 -9.17
CA PHE B 176 -8.33 -27.12 -8.29
C PHE B 176 -7.00 -26.63 -7.72
N ALA B 177 -6.43 -25.60 -8.34
CA ALA B 177 -5.14 -25.08 -7.93
C ALA B 177 -5.30 -23.87 -7.02
N GLY B 178 -6.10 -22.90 -7.47
CA GLY B 178 -6.32 -21.69 -6.71
C GLY B 178 -7.26 -20.75 -7.44
N VAL B 179 -8.00 -19.95 -6.68
CA VAL B 179 -8.94 -19.01 -7.28
C VAL B 179 -8.33 -17.60 -7.28
N ASN B 180 -8.54 -16.87 -8.37
CA ASN B 180 -7.93 -15.55 -8.63
C ASN B 180 -6.41 -15.65 -8.75
N GLY B 181 -5.73 -15.95 -7.65
CA GLY B 181 -4.30 -16.16 -7.67
C GLY B 181 -3.92 -17.61 -7.88
N GLY B 182 -2.86 -17.84 -8.66
CA GLY B 182 -2.36 -19.19 -8.92
C GLY B 182 -3.38 -20.09 -9.59
N THR B 183 -4.16 -19.53 -10.51
CA THR B 183 -5.19 -20.27 -11.20
C THR B 183 -4.60 -21.32 -12.14
N GLU B 184 -5.40 -22.31 -12.50
CA GLU B 184 -4.97 -23.39 -13.37
C GLU B 184 -5.49 -23.21 -14.80
N ALA B 185 -6.09 -22.06 -15.07
CA ALA B 185 -6.75 -21.81 -16.34
C ALA B 185 -5.81 -21.97 -17.53
N SER B 186 -4.62 -21.40 -17.42
CA SER B 186 -3.64 -21.45 -18.49
CA SER B 186 -3.64 -21.45 -18.49
C SER B 186 -3.17 -22.88 -18.73
N ALA B 187 -2.88 -23.60 -17.64
CA ALA B 187 -2.42 -24.98 -17.72
C ALA B 187 -3.49 -25.89 -18.32
N ARG B 188 -4.76 -25.60 -18.02
CA ARG B 188 -5.87 -26.35 -18.58
C ARG B 188 -5.97 -26.16 -20.09
N TYR B 189 -5.86 -24.91 -20.53
CA TYR B 189 -6.01 -24.59 -21.94
C TYR B 189 -4.85 -25.16 -22.75
N GLU B 190 -3.67 -25.18 -22.16
CA GLU B 190 -2.48 -25.70 -22.80
C GLU B 190 -2.62 -27.17 -23.19
N LYS B 191 -3.27 -27.93 -22.31
CA LYS B 191 -3.42 -29.37 -22.51
C LYS B 191 -4.43 -29.70 -23.61
N CYS B 192 -5.43 -28.83 -23.77
CA CYS B 192 -6.54 -29.12 -24.69
C CYS B 192 -6.72 -28.04 -25.76
N GLN B 193 -5.63 -27.35 -26.10
CA GLN B 193 -5.70 -26.22 -27.03
C GLN B 193 -6.15 -26.62 -28.45
N ALA B 194 -5.65 -27.74 -28.94
CA ALA B 194 -5.92 -28.14 -30.32
C ALA B 194 -7.35 -28.63 -30.54
N GLU B 195 -8.11 -28.73 -29.46
CA GLU B 195 -9.51 -29.15 -29.56
C GLU B 195 -10.41 -27.95 -29.86
N PHE B 196 -9.86 -26.75 -29.73
CA PHE B 196 -10.62 -25.52 -29.94
C PHE B 196 -10.34 -24.89 -31.31
N ASP B 197 -11.30 -25.05 -32.22
CA ASP B 197 -11.25 -24.39 -33.53
C ASP B 197 -12.55 -23.64 -33.74
N ILE B 198 -12.64 -22.44 -33.14
CA ILE B 198 -13.91 -21.72 -33.09
C ILE B 198 -14.13 -20.81 -34.29
N LYS B 199 -15.27 -21.00 -34.94
CA LYS B 199 -15.66 -20.16 -36.07
C LYS B 199 -16.49 -18.97 -35.61
N ALA B 200 -15.84 -18.01 -34.95
CA ALA B 200 -16.52 -16.82 -34.47
C ALA B 200 -15.53 -15.71 -34.16
N SER B 201 -16.05 -14.50 -34.00
CA SER B 201 -15.24 -13.37 -33.58
C SER B 201 -15.34 -13.21 -32.06
N LEU B 202 -14.60 -12.26 -31.51
CA LEU B 202 -14.69 -11.98 -30.08
C LEU B 202 -16.07 -11.42 -29.74
N GLY B 203 -16.62 -10.65 -30.66
CA GLY B 203 -17.95 -10.09 -30.49
C GLY B 203 -18.98 -11.18 -30.32
N ASP B 204 -18.80 -12.28 -31.05
CA ASP B 204 -19.69 -13.42 -30.98
C ASP B 204 -19.59 -14.11 -29.64
N LEU B 205 -18.38 -14.20 -29.10
CA LEU B 205 -18.15 -14.78 -27.77
C LEU B 205 -18.66 -13.86 -26.66
N HIS B 206 -18.70 -12.56 -26.95
CA HIS B 206 -19.07 -11.58 -25.94
C HIS B 206 -20.59 -11.38 -25.89
N ASN B 207 -21.23 -11.36 -27.05
CA ASN B 207 -22.66 -11.11 -27.11
C ASN B 207 -23.48 -12.27 -26.58
N TYR B 208 -22.95 -13.47 -26.70
CA TYR B 208 -23.63 -14.65 -26.19
C TYR B 208 -23.83 -14.53 -24.68
N PHE B 209 -22.86 -13.92 -24.01
CA PHE B 209 -22.91 -13.73 -22.57
C PHE B 209 -23.58 -12.41 -22.17
N LEU B 210 -23.58 -11.44 -23.09
CA LEU B 210 -24.31 -10.20 -22.86
C LEU B 210 -25.81 -10.47 -22.76
N GLU B 211 -26.47 -9.80 -21.81
CA GLU B 211 -27.91 -9.94 -21.64
C GLU B 211 -28.63 -8.63 -21.90
N VAL B 212 -27.89 -7.61 -22.34
CA VAL B 212 -28.44 -6.28 -22.55
C VAL B 212 -27.88 -5.66 -23.82
N LEU B 213 -28.67 -4.79 -24.43
CA LEU B 213 -28.29 -4.06 -25.63
C LEU B 213 -26.97 -3.32 -25.41
N PRO B 214 -25.93 -3.71 -26.16
CA PRO B 214 -24.60 -3.11 -26.05
C PRO B 214 -24.60 -1.62 -26.39
N PRO B 215 -23.83 -0.82 -25.62
CA PRO B 215 -23.80 0.64 -25.73
C PRO B 215 -23.31 1.14 -27.09
N ALA B 216 -23.56 2.42 -27.37
CA ALA B 216 -23.13 3.03 -28.62
C ALA B 216 -21.63 3.32 -28.61
N GLU B 217 -21.14 3.89 -29.70
CA GLU B 217 -19.72 4.22 -29.81
C GLU B 217 -19.53 5.71 -30.10
N ALA B 223 -8.75 7.82 -25.08
CA ALA B 223 -8.23 8.04 -23.74
C ALA B 223 -7.58 6.77 -23.20
N ALA B 224 -6.88 6.90 -22.08
CA ALA B 224 -6.28 5.75 -21.41
C ALA B 224 -7.06 5.39 -20.16
N GLY B 225 -7.70 4.22 -20.19
CA GLY B 225 -8.55 3.79 -19.08
C GLY B 225 -7.79 3.14 -17.95
N VAL B 226 -8.06 3.60 -16.73
CA VAL B 226 -7.46 3.01 -15.53
C VAL B 226 -8.56 2.52 -14.61
N VAL B 227 -8.49 1.25 -14.22
CA VAL B 227 -9.49 0.67 -13.34
C VAL B 227 -8.98 0.56 -11.91
N LEU B 228 -9.69 1.18 -10.99
CA LEU B 228 -9.34 1.06 -9.58
C LEU B 228 -10.14 -0.07 -8.96
N GLN B 229 -9.60 -0.67 -7.89
CA GLN B 229 -10.26 -1.79 -7.23
C GLN B 229 -10.37 -1.57 -5.73
N VAL B 230 -11.09 -2.46 -5.07
CA VAL B 230 -11.16 -2.48 -3.61
C VAL B 230 -9.78 -2.80 -3.06
N GLU B 231 -9.32 -2.01 -2.10
CA GLU B 231 -7.93 -2.05 -1.67
C GLU B 231 -7.57 -3.23 -0.77
N ASP B 232 -8.55 -3.76 -0.05
CA ASP B 232 -8.24 -4.74 0.98
C ASP B 232 -8.85 -6.12 0.73
N ASP B 233 -9.12 -6.44 -0.53
CA ASP B 233 -9.56 -7.77 -0.88
C ASP B 233 -8.37 -8.64 -1.25
N SER B 234 -8.61 -9.93 -1.43
CA SER B 234 -7.54 -10.89 -1.72
C SER B 234 -6.78 -10.54 -2.99
N ASN B 235 -7.47 -10.00 -3.98
CA ASN B 235 -6.86 -9.64 -5.26
C ASN B 235 -5.73 -8.63 -5.15
N LEU B 236 -5.91 -7.61 -4.31
CA LEU B 236 -4.93 -6.54 -4.19
C LEU B 236 -4.01 -6.71 -2.99
N ILE B 237 -4.30 -7.70 -2.17
CA ILE B 237 -3.46 -7.98 -1.00
C ILE B 237 -2.44 -9.06 -1.32
N ALA B 238 -2.86 -10.09 -2.04
CA ALA B 238 -2.00 -11.23 -2.29
C ALA B 238 -1.64 -11.44 -3.76
N TYR B 239 -2.54 -11.09 -4.67
CA TYR B 239 -2.37 -11.44 -6.09
C TYR B 239 -2.11 -10.22 -6.98
N ASN B 240 -1.45 -9.21 -6.42
CA ASN B 240 -1.29 -7.93 -7.11
C ASN B 240 0.08 -7.69 -7.74
N HIS B 241 1.02 -8.60 -7.50
CA HIS B 241 2.42 -8.42 -7.89
C HIS B 241 2.94 -7.09 -7.33
N ASP B 242 2.59 -6.83 -6.08
CA ASP B 242 3.02 -5.65 -5.32
C ASP B 242 2.44 -4.33 -5.83
N PHE B 243 1.61 -4.38 -6.87
CA PHE B 243 1.00 -3.16 -7.39
C PHE B 243 -0.22 -2.75 -6.58
N THR B 244 -0.42 -1.44 -6.46
CA THR B 244 -1.55 -0.88 -5.73
C THR B 244 -2.29 0.12 -6.61
N ASN B 245 -3.43 0.63 -6.11
CA ASN B 245 -4.16 1.68 -6.81
C ASN B 245 -3.29 2.91 -7.07
N ILE B 246 -2.41 3.22 -6.11
CA ILE B 246 -1.53 4.37 -6.26
C ILE B 246 -0.47 4.13 -7.33
N SER B 247 0.22 2.99 -7.25
CA SER B 247 1.31 2.72 -8.18
C SER B 247 0.81 2.36 -9.56
N LEU B 248 -0.46 1.95 -9.65
CA LEU B 248 -1.09 1.71 -10.95
C LEU B 248 -1.26 3.05 -11.67
N LEU B 249 -1.82 4.02 -10.96
CA LEU B 249 -1.96 5.37 -11.49
C LEU B 249 -0.59 5.95 -11.85
N SER B 250 0.39 5.70 -10.98
CA SER B 250 1.75 6.16 -11.23
CA SER B 250 1.75 6.16 -11.23
C SER B 250 2.33 5.51 -12.48
N TYR B 251 2.00 4.23 -12.68
CA TYR B 251 2.45 3.46 -13.83
C TYR B 251 1.93 4.06 -15.13
N VAL B 252 0.62 4.33 -15.17
CA VAL B 252 -0.01 4.90 -16.35
C VAL B 252 0.47 6.33 -16.58
N ARG B 253 0.70 7.04 -15.49
CA ARG B 253 1.17 8.42 -15.53
C ARG B 253 2.53 8.53 -16.23
N GLN B 254 3.33 7.47 -16.14
CA GLN B 254 4.64 7.41 -16.79
C GLN B 254 4.52 7.29 -18.30
N ARG B 255 3.29 7.06 -18.77
CA ARG B 255 3.05 6.80 -20.20
C ARG B 255 2.04 7.75 -20.82
N TYR B 256 1.25 8.42 -20.00
CA TYR B 256 0.20 9.30 -20.50
C TYR B 256 0.08 10.59 -19.69
N GLU B 257 -0.54 11.60 -20.31
CA GLU B 257 -0.83 12.85 -19.63
C GLU B 257 -2.22 12.80 -19.00
N LYS B 258 -2.49 13.76 -18.11
CA LYS B 258 -3.69 13.74 -17.28
C LYS B 258 -5.01 13.68 -18.04
N GLU B 259 -5.17 14.53 -19.06
CA GLU B 259 -6.44 14.59 -19.77
C GLU B 259 -6.53 13.51 -20.85
N ASP B 260 -5.51 12.65 -20.91
CA ASP B 260 -5.58 11.48 -21.77
C ASP B 260 -5.90 10.25 -20.92
N ILE B 261 -6.04 10.47 -19.62
CA ILE B 261 -6.33 9.38 -18.68
C ILE B 261 -7.74 9.47 -18.13
N LEU B 262 -8.50 8.39 -18.30
CA LEU B 262 -9.85 8.28 -17.75
C LEU B 262 -9.87 7.20 -16.68
N VAL B 263 -10.19 7.58 -15.45
CA VAL B 263 -10.16 6.65 -14.32
CA VAL B 263 -10.16 6.62 -14.35
C VAL B 263 -11.55 6.10 -14.00
N ARG B 264 -11.63 4.79 -13.80
CA ARG B 264 -12.88 4.14 -13.40
C ARG B 264 -12.75 3.69 -11.94
N ALA B 265 -13.36 4.46 -11.04
CA ALA B 265 -13.26 4.18 -9.62
C ALA B 265 -14.16 3.02 -9.23
N HIS B 266 -13.81 2.35 -8.14
CA HIS B 266 -14.63 1.27 -7.61
C HIS B 266 -15.42 1.76 -6.41
N PRO B 267 -16.75 1.72 -6.48
CA PRO B 267 -17.63 2.25 -5.44
C PRO B 267 -17.45 1.58 -4.08
N GLY B 268 -16.84 0.41 -4.05
CA GLY B 268 -16.62 -0.32 -2.81
C GLY B 268 -15.29 -0.02 -2.14
N SER B 269 -14.50 0.85 -2.76
CA SER B 269 -13.20 1.20 -2.22
C SER B 269 -13.33 2.02 -0.94
N LEU B 270 -12.38 1.84 -0.03
CA LEU B 270 -12.33 2.61 1.21
C LEU B 270 -11.96 4.07 0.92
N PHE B 271 -11.10 4.25 -0.08
CA PHE B 271 -10.65 5.58 -0.48
C PHE B 271 -11.10 5.93 -1.90
N ARG B 272 -11.15 7.22 -2.20
CA ARG B 272 -11.40 7.68 -3.56
C ARG B 272 -10.43 8.79 -3.91
N LEU B 273 -10.18 8.97 -5.21
CA LEU B 273 -9.30 10.04 -5.66
C LEU B 273 -9.84 11.40 -5.25
N ARG B 274 -8.93 12.32 -4.94
CA ARG B 274 -9.33 13.68 -4.60
C ARG B 274 -9.96 14.34 -5.82
N ASP B 275 -10.74 15.40 -5.57
CA ASP B 275 -11.60 16.00 -6.59
C ASP B 275 -10.92 16.29 -7.92
N ASP B 276 -9.98 17.22 -7.93
CA ASP B 276 -9.37 17.68 -9.17
C ASP B 276 -7.95 17.17 -9.33
N VAL B 277 -7.80 15.86 -9.51
CA VAL B 277 -6.50 15.26 -9.77
C VAL B 277 -6.53 14.52 -11.08
N PHE B 278 -7.54 13.67 -11.25
CA PHE B 278 -7.77 12.96 -12.50
C PHE B 278 -9.17 13.21 -13.00
N THR B 279 -9.41 12.86 -14.26
CA THR B 279 -10.75 12.88 -14.81
C THR B 279 -11.45 11.56 -14.45
N ILE B 280 -12.53 11.66 -13.69
CA ILE B 280 -13.25 10.47 -13.24
C ILE B 280 -14.37 10.11 -14.20
N ASP B 281 -14.41 8.84 -14.60
CA ASP B 281 -15.48 8.35 -15.47
C ASP B 281 -16.79 8.24 -14.71
N ASP B 282 -17.88 8.65 -15.35
CA ASP B 282 -19.21 8.47 -14.79
C ASP B 282 -20.11 7.78 -15.81
N SER B 283 -19.71 6.59 -16.23
CA SER B 283 -20.47 5.82 -17.21
C SER B 283 -21.47 4.89 -16.51
N ALA B 284 -22.55 4.58 -17.20
CA ALA B 284 -23.62 3.75 -16.64
C ALA B 284 -23.15 2.34 -16.33
N ASN B 285 -22.10 1.89 -17.01
CA ASN B 285 -21.56 0.56 -16.84
C ASN B 285 -20.13 0.43 -17.34
N SER B 286 -19.53 -0.75 -17.16
CA SER B 286 -18.14 -0.97 -17.56
C SER B 286 -17.95 -0.76 -19.05
N LEU B 287 -18.86 -1.30 -19.85
CA LEU B 287 -18.76 -1.22 -21.31
C LEU B 287 -18.73 0.22 -21.81
N ALA B 288 -19.61 1.06 -21.27
CA ALA B 288 -19.67 2.47 -21.65
C ALA B 288 -18.38 3.19 -21.29
N PHE B 289 -17.69 2.69 -20.26
CA PHE B 289 -16.41 3.23 -19.86
C PHE B 289 -15.30 2.78 -20.82
N ILE B 290 -15.31 1.49 -21.15
CA ILE B 290 -14.28 0.90 -22.00
C ILE B 290 -14.29 1.49 -23.42
N ASN B 291 -15.48 1.76 -23.94
CA ASN B 291 -15.61 2.31 -25.28
C ASN B 291 -15.04 3.72 -25.45
N GLN B 292 -14.78 4.39 -24.33
CA GLN B 292 -14.21 5.74 -24.36
C GLN B 292 -12.69 5.68 -24.35
N CYS B 293 -12.14 4.48 -24.24
CA CYS B 293 -10.71 4.30 -24.08
C CYS B 293 -10.08 3.64 -25.29
N ASN B 294 -8.83 3.99 -25.55
CA ASN B 294 -8.06 3.35 -26.62
C ASN B 294 -7.36 2.11 -26.09
N GLU B 295 -6.93 2.17 -24.84
CA GLU B 295 -6.38 1.01 -24.15
C GLU B 295 -6.70 1.07 -22.66
N VAL B 296 -6.72 -0.10 -22.02
CA VAL B 296 -7.15 -0.21 -20.62
C VAL B 296 -6.04 -0.77 -19.74
N PHE B 297 -5.84 -0.16 -18.58
CA PHE B 297 -4.85 -0.61 -17.62
C PHE B 297 -5.52 -1.08 -16.33
N THR B 298 -5.09 -2.25 -15.83
CA THR B 298 -5.64 -2.80 -14.61
C THR B 298 -4.64 -3.70 -13.90
N ILE B 299 -4.84 -3.89 -12.59
CA ILE B 299 -4.03 -4.86 -11.86
C ILE B 299 -4.60 -6.26 -12.13
N ASN B 300 -5.80 -6.53 -11.64
CA ASN B 300 -6.45 -7.80 -11.92
C ASN B 300 -7.97 -7.72 -11.83
N SER B 301 -8.52 -6.58 -12.24
CA SER B 301 -9.96 -6.39 -12.24
C SER B 301 -10.63 -7.24 -13.30
N SER B 302 -11.88 -7.63 -13.05
CA SER B 302 -12.63 -8.40 -14.03
C SER B 302 -13.01 -7.52 -15.23
N VAL B 303 -12.99 -6.21 -15.00
CA VAL B 303 -13.22 -5.24 -16.07
C VAL B 303 -12.20 -5.43 -17.19
N GLY B 304 -10.99 -5.85 -16.81
CA GLY B 304 -9.95 -6.16 -17.76
C GLY B 304 -10.35 -7.26 -18.74
N LEU B 305 -11.08 -8.26 -18.24
CA LEU B 305 -11.59 -9.32 -19.10
C LEU B 305 -12.57 -8.76 -20.12
N GLU B 306 -13.45 -7.88 -19.66
CA GLU B 306 -14.44 -7.25 -20.53
C GLU B 306 -13.80 -6.48 -21.68
N ALA B 307 -12.69 -5.82 -21.40
CA ALA B 307 -11.97 -5.06 -22.43
C ALA B 307 -11.38 -6.00 -23.47
N ILE B 308 -10.74 -7.07 -23.00
CA ILE B 308 -10.14 -8.07 -23.88
C ILE B 308 -11.20 -8.70 -24.78
N LEU B 309 -12.39 -8.90 -24.23
CA LEU B 309 -13.48 -9.52 -24.98
C LEU B 309 -14.09 -8.55 -26.01
N THR B 310 -13.81 -7.26 -25.86
CA THR B 310 -14.33 -6.26 -26.79
C THR B 310 -13.25 -5.80 -27.76
N GLY B 311 -12.08 -6.42 -27.69
CA GLY B 311 -11.00 -6.14 -28.61
C GLY B 311 -10.14 -4.95 -28.23
N LYS B 312 -10.20 -4.53 -26.97
CA LYS B 312 -9.41 -3.41 -26.50
C LYS B 312 -8.04 -3.87 -25.99
N LYS B 313 -7.01 -3.12 -26.35
CA LYS B 313 -5.66 -3.38 -25.87
C LYS B 313 -5.59 -3.22 -24.35
N THR B 314 -5.30 -4.30 -23.63
CA THR B 314 -5.34 -4.28 -22.18
C THR B 314 -4.00 -4.66 -21.57
N THR B 315 -3.61 -3.95 -20.51
CA THR B 315 -2.40 -4.26 -19.76
C THR B 315 -2.74 -4.77 -18.36
N VAL B 316 -2.30 -5.98 -18.06
CA VAL B 316 -2.61 -6.61 -16.78
C VAL B 316 -1.34 -6.74 -15.94
N LEU B 317 -1.30 -6.00 -14.82
CA LEU B 317 -0.08 -5.93 -13.99
C LEU B 317 -0.08 -6.95 -12.86
N GLY B 318 -1.26 -7.47 -12.50
CA GLY B 318 -1.36 -8.42 -11.41
C GLY B 318 -1.57 -9.85 -11.90
N ASP B 319 -1.81 -10.77 -10.96
CA ASP B 319 -2.09 -12.15 -11.29
C ASP B 319 -3.58 -12.38 -11.36
N CYS B 320 -4.04 -13.02 -12.45
CA CYS B 320 -5.46 -13.31 -12.60
C CYS B 320 -5.69 -14.45 -13.59
N SER B 321 -6.91 -14.97 -13.61
CA SER B 321 -7.25 -16.15 -14.38
C SER B 321 -7.31 -15.93 -15.89
N TYR B 322 -7.50 -14.69 -16.32
CA TYR B 322 -7.70 -14.42 -17.75
C TYR B 322 -6.45 -13.86 -18.42
N ALA B 323 -5.36 -13.76 -17.66
CA ALA B 323 -4.14 -13.11 -18.17
C ALA B 323 -3.54 -13.85 -19.37
N PHE B 324 -3.65 -15.17 -19.38
CA PHE B 324 -3.04 -15.97 -20.45
C PHE B 324 -3.68 -15.70 -21.81
N ILE B 325 -4.95 -15.31 -21.81
CA ILE B 325 -5.65 -14.97 -23.05
C ILE B 325 -5.02 -13.75 -23.72
N ASN B 326 -4.72 -12.74 -22.92
CA ASN B 326 -4.15 -11.49 -23.40
C ASN B 326 -2.73 -11.66 -23.91
N GLU B 327 -2.02 -12.66 -23.38
CA GLU B 327 -0.63 -12.89 -23.72
C GLU B 327 -0.48 -13.69 -25.02
N LEU B 328 -1.56 -13.77 -25.78
CA LEU B 328 -1.53 -14.50 -27.05
C LEU B 328 -1.55 -13.53 -28.23
N ALA B 329 -0.56 -13.67 -29.11
CA ALA B 329 -0.49 -12.89 -30.33
C ALA B 329 -1.08 -13.67 -31.49
N GLY B 330 -2.29 -13.28 -31.92
CA GLY B 330 -2.98 -13.97 -32.98
C GLY B 330 -4.47 -13.67 -32.97
N ALA B 331 -5.03 -13.45 -34.15
CA ALA B 331 -6.44 -13.11 -34.29
C ALA B 331 -7.35 -14.26 -33.88
N SER B 332 -7.01 -15.47 -34.34
CA SER B 332 -7.83 -16.65 -34.05
C SER B 332 -7.38 -17.37 -32.78
N ALA B 333 -6.11 -17.21 -32.43
CA ALA B 333 -5.57 -17.84 -31.22
C ALA B 333 -6.19 -17.23 -29.96
N THR B 334 -6.58 -15.97 -30.06
CA THR B 334 -7.20 -15.25 -28.95
C THR B 334 -8.65 -15.70 -28.75
N VAL B 335 -9.39 -15.79 -29.86
CA VAL B 335 -10.78 -16.19 -29.81
C VAL B 335 -10.93 -17.60 -29.25
N ASN B 336 -10.02 -18.50 -29.63
CA ASN B 336 -10.04 -19.87 -29.14
C ASN B 336 -9.74 -19.96 -27.65
N ALA B 337 -8.80 -19.14 -27.18
CA ALA B 337 -8.45 -19.10 -25.77
C ALA B 337 -9.61 -18.56 -24.95
N ALA B 338 -10.24 -17.50 -25.47
CA ALA B 338 -11.37 -16.88 -24.81
C ALA B 338 -12.57 -17.83 -24.78
N ALA B 339 -12.74 -18.60 -25.86
CA ALA B 339 -13.83 -19.56 -25.95
C ALA B 339 -13.70 -20.63 -24.88
N PHE B 340 -12.46 -21.07 -24.64
CA PHE B 340 -12.19 -22.03 -23.58
C PHE B 340 -12.51 -21.43 -22.21
N TYR B 341 -12.02 -20.22 -21.98
CA TYR B 341 -12.20 -19.53 -20.71
C TYR B 341 -13.69 -19.36 -20.40
N LEU B 342 -14.44 -18.94 -21.41
CA LEU B 342 -15.87 -18.63 -21.22
C LEU B 342 -16.74 -19.88 -21.07
N PHE B 343 -16.41 -20.93 -21.83
CA PHE B 343 -17.26 -22.12 -21.85
C PHE B 343 -16.73 -23.28 -21.00
N SER B 344 -15.43 -23.34 -20.80
CA SER B 344 -14.83 -24.48 -20.11
C SER B 344 -14.30 -24.13 -18.72
N TYR B 345 -13.66 -22.97 -18.60
CA TYR B 345 -13.09 -22.58 -17.31
C TYR B 345 -14.16 -21.95 -16.41
N LEU B 346 -14.82 -20.91 -16.90
CA LEU B 346 -15.94 -20.32 -16.18
C LEU B 346 -17.11 -21.31 -16.08
N VAL B 347 -17.73 -21.35 -14.91
CA VAL B 347 -18.85 -22.25 -14.67
C VAL B 347 -20.12 -21.43 -14.43
N PRO B 348 -21.26 -21.90 -14.96
CA PRO B 348 -22.55 -21.31 -14.59
C PRO B 348 -22.70 -21.22 -13.08
N PHE B 349 -23.05 -20.04 -12.57
CA PHE B 349 -23.00 -19.74 -11.14
C PHE B 349 -23.64 -20.79 -10.24
N ASP B 350 -24.86 -21.21 -10.56
CA ASP B 350 -25.60 -22.12 -9.70
C ASP B 350 -24.99 -23.51 -9.60
N LEU B 351 -24.29 -23.96 -10.63
CA LEU B 351 -23.78 -25.33 -10.68
C LEU B 351 -22.72 -25.62 -9.63
N VAL B 352 -21.91 -24.64 -9.26
CA VAL B 352 -20.84 -24.87 -8.28
C VAL B 352 -21.40 -25.07 -6.87
N PHE B 353 -22.71 -24.94 -6.72
CA PHE B 353 -23.37 -25.22 -5.45
C PHE B 353 -24.24 -26.46 -5.58
N ASN B 354 -24.22 -27.06 -6.77
CA ASN B 354 -24.94 -28.29 -7.05
C ASN B 354 -24.04 -29.50 -6.83
N GLN B 355 -24.32 -30.29 -5.80
CA GLN B 355 -23.46 -31.40 -5.42
CA GLN B 355 -23.47 -31.41 -5.42
C GLN B 355 -23.28 -32.41 -6.54
N GLU B 356 -24.31 -32.60 -7.36
CA GLU B 356 -24.21 -33.54 -8.48
C GLU B 356 -23.24 -33.05 -9.54
N TYR B 357 -23.23 -31.74 -9.78
CA TYR B 357 -22.31 -31.18 -10.75
C TYR B 357 -20.89 -31.24 -10.20
N LEU B 358 -20.76 -31.07 -8.88
CA LEU B 358 -19.46 -31.12 -8.24
C LEU B 358 -18.87 -32.53 -8.26
N LYS B 359 -19.74 -33.53 -8.19
CA LYS B 359 -19.31 -34.92 -8.33
C LYS B 359 -18.82 -35.17 -9.75
N PHE B 360 -19.53 -34.59 -10.72
CA PHE B 360 -19.15 -34.69 -12.13
C PHE B 360 -17.74 -34.17 -12.35
N ARG B 361 -17.46 -32.97 -11.84
CA ARG B 361 -16.14 -32.37 -11.96
C ARG B 361 -15.09 -33.16 -11.19
N LEU B 362 -15.53 -33.88 -10.17
CA LEU B 362 -14.63 -34.62 -9.30
C LEU B 362 -14.11 -35.91 -9.97
N GLY B 363 -14.85 -36.39 -10.95
CA GLY B 363 -14.44 -37.58 -11.69
C GLY B 363 -13.46 -37.26 -12.79
N HIS B 364 -13.06 -36.00 -12.87
CA HIS B 364 -12.14 -35.50 -13.90
C HIS B 364 -12.60 -35.87 -15.31
N PRO B 365 -13.68 -35.23 -15.78
CA PRO B 365 -14.21 -35.48 -17.12
C PRO B 365 -13.45 -34.70 -18.19
N GLU B 366 -13.64 -35.07 -19.46
CA GLU B 366 -13.01 -34.38 -20.56
C GLU B 366 -13.57 -32.97 -20.72
N GLU B 367 -12.80 -32.09 -21.36
CA GLU B 367 -13.22 -30.71 -21.60
C GLU B 367 -14.50 -30.65 -22.42
N ARG B 368 -14.70 -31.64 -23.29
CA ARG B 368 -15.91 -31.75 -24.08
C ARG B 368 -17.15 -31.91 -23.20
N GLU B 369 -17.05 -32.79 -22.21
CA GLU B 369 -18.15 -33.03 -21.28
C GLU B 369 -18.46 -31.79 -20.45
N ILE B 370 -17.40 -31.11 -20.03
CA ILE B 370 -17.54 -29.90 -19.22
C ILE B 370 -18.26 -28.81 -20.02
N VAL B 371 -17.80 -28.58 -21.24
CA VAL B 371 -18.39 -27.58 -22.13
C VAL B 371 -19.85 -27.91 -22.43
N GLY B 372 -20.11 -29.16 -22.78
CA GLY B 372 -21.46 -29.61 -23.07
C GLY B 372 -22.41 -29.42 -21.90
N LYS B 373 -21.91 -29.67 -20.70
CA LYS B 373 -22.70 -29.49 -19.49
C LYS B 373 -23.06 -28.02 -19.26
N HIS B 374 -22.12 -27.13 -19.54
CA HIS B 374 -22.33 -25.70 -19.35
C HIS B 374 -23.33 -25.12 -20.35
N ILE B 375 -23.13 -25.44 -21.63
CA ILE B 375 -24.03 -24.98 -22.70
C ILE B 375 -25.43 -25.54 -22.47
N GLU B 376 -25.49 -26.77 -21.98
CA GLU B 376 -26.75 -27.41 -21.61
C GLU B 376 -27.48 -26.57 -20.57
N PHE B 377 -26.72 -26.05 -19.62
CA PHE B 377 -27.29 -25.20 -18.58
C PHE B 377 -27.75 -23.87 -19.16
N TYR B 378 -26.91 -23.25 -19.98
CA TYR B 378 -27.20 -21.94 -20.56
C TYR B 378 -28.41 -21.96 -21.50
N SER B 379 -28.73 -23.13 -22.04
CA SER B 379 -29.72 -23.23 -23.12
C SER B 379 -31.16 -23.48 -22.63
N ALA B 380 -32.08 -23.49 -23.60
CA ALA B 380 -33.49 -23.70 -23.30
C ALA B 380 -34.15 -24.52 -24.41
N ALA B 390 -25.15 -32.37 -31.60
CA ALA B 390 -23.76 -31.94 -31.60
C ALA B 390 -22.94 -32.72 -30.57
N HIS B 391 -21.69 -32.99 -30.92
CA HIS B 391 -20.83 -33.83 -30.08
C HIS B 391 -19.48 -33.20 -29.79
N SER B 392 -18.75 -32.84 -30.84
CA SER B 392 -17.42 -32.26 -30.66
C SER B 392 -17.50 -30.92 -29.96
N LEU B 393 -16.41 -30.54 -29.31
CA LEU B 393 -16.36 -29.34 -28.49
C LEU B 393 -16.59 -28.08 -29.29
N SER B 394 -15.91 -27.97 -30.43
CA SER B 394 -16.01 -26.77 -31.26
C SER B 394 -17.38 -26.63 -31.90
N SER B 395 -18.00 -27.76 -32.24
CA SER B 395 -19.33 -27.76 -32.86
C SER B 395 -20.39 -27.32 -31.85
N LEU B 396 -20.21 -27.69 -30.59
CA LEU B 396 -21.11 -27.29 -29.53
C LEU B 396 -21.10 -25.77 -29.36
N ILE B 397 -19.89 -25.21 -29.29
CA ILE B 397 -19.71 -23.77 -29.12
C ILE B 397 -20.20 -23.00 -30.35
N ASN B 398 -19.73 -23.41 -31.53
CA ASN B 398 -20.11 -22.76 -32.79
C ASN B 398 -21.62 -22.70 -32.97
N GLU B 399 -22.30 -23.81 -32.70
CA GLU B 399 -23.75 -23.88 -32.84
C GLU B 399 -24.44 -22.99 -31.81
N ALA B 400 -23.79 -22.80 -30.67
CA ALA B 400 -24.38 -22.04 -29.57
C ALA B 400 -24.35 -20.53 -29.84
N ILE B 401 -23.25 -20.04 -30.38
CA ILE B 401 -23.08 -18.61 -30.58
C ILE B 401 -23.61 -18.14 -31.94
N SER B 402 -24.28 -19.04 -32.65
CA SER B 402 -24.93 -18.68 -33.90
C SER B 402 -26.44 -18.61 -33.68
N LEU B 403 -26.95 -19.54 -32.88
CA LEU B 403 -28.36 -19.59 -32.55
C LEU B 403 -28.75 -18.45 -31.63
#